data_8HQE
#
_entry.id   8HQE
#
_cell.length_a   1.00
_cell.length_b   1.00
_cell.length_c   1.00
_cell.angle_alpha   90.00
_cell.angle_beta   90.00
_cell.angle_gamma   90.00
#
_symmetry.space_group_name_H-M   'P 1'
#
loop_
_entity.id
_entity.type
_entity.pdbx_description
1 polymer 'Guanine nucleotide-binding protein G(I)/G(S)/G(T) subunit beta-1'
2 polymer 'Guanine nucleotide-binding protein G(I)/G(S)/G(O) subunit gamma-2'
3 polymer scFv16
4 polymer 'Soluble cytochrome b562,Probable G-protein coupled receptor 132'
5 polymer 'Guanine nucleotide-binding protein G(i) subunit alpha-1'
#
loop_
_entity_poly.entity_id
_entity_poly.type
_entity_poly.pdbx_seq_one_letter_code
_entity_poly.pdbx_strand_id
1 'polypeptide(L)'
;MHHHHHHLEVLFQGPGSSQSELDQLRQEAEQLKNQIRDARKACADATLSQITNNIDPVGRIQMRTRRTLRGHLAKIYAMH
WGTDSRLLVSASQDGKLIIWDSYTTNKVHAIPLRSSWVMTCAYAPSGNYVACGGLDNICSIYNLKTREGNVRVSRELAGH
TGYLSCCRFLDDNQIVTSSGDTTCALWDIETGQQTTTFTGHTGDVMSLSLAPDTRLFVSGACDASAKLWDVREGMCRQTF
TGHESDINAICFFPNGNAFATGSDDATCRLFDLRADQELMTYSHDNIICGITSVSFSKSGRLLLAGYDDFNCNVWDALKA
DRAGVLAGHDNRVSCLGVTDDGMAVATGSWDSFLKIWN
;
B
2 'polypeptide(L)' NTASIAQARKLVEQLKMEANIDRIKVSKAAADLMAYCEAHAKEDPLLTPVPASENPFR C
3 'polypeptide(L)'
;DVQLVESGGGLVQPGGSRKLSCSASGFAFSSFGMHWVRQAPEKGLEWVAYISSGSGTIYYADTVKGRFTISRDDPKNTLF
LQMTSLRSEDTAMYYCVRSIYYYGSSPFDFWGQGTTLTVSSGGGGSGGGGSGGGGSDIVMTQATSSVPVTPGESVSISCR
SSKSLLHSNGNTYLYWFLQRPGQSPQLLIYRMSNLASGVPDRFSGSGSGTAFTLTISRLEAEDVGVYYCMQHLEYPLTFG
AGTKLELKGS
;
H
4 'polypeptide(L)'
;MKTIIALSYIFCLVFADYKDDDDKADLEDNWETLNDNLKVIEKADNAAQVKDALTKMRAAALDAQKATPPKLEDKSPDSP
EMKDFRHGFDILVGQIDDALKLANEGKVKEAQAAAEQLKTTRNAYIQKYLMCPMLLKNGYNGNATPVTTTAPWASLGLSA
KTCNNVSFEESRIVLVVVYSAVCTLGVPANCLTAWLALLQVLQGNVLAVYLLCLALCELLYTGTLPLWVIYIRNQHRWTL
GLLACKVTAYIFFCNIYVSILFLCCISCDRFVAVVYALESRGRRRRRTAILISACIFILVGIVHYPVFQTEDKETCFDML
QMDSRIAGYYYARFTVGFAIPLSIIAFTNHRIFRSIKQSMGLSAAQKAKVKHSAIAVVVIFLVCFAPYHLVLLVKAAAFS
YYRGDRNAMCGLEERLYTASVVFLCLSTVNGVADPIIYVLATDHSRQEVSRIHKGWKEWSMKTDVTRLTHSRDTEELQSP
VALADHYTFSRPVHPPGSPCPAKRLIEESC
;
R
5 'polypeptide(L)'
;MGCTLSAEDKAAVERSKMIDRNLREDGEKAAREVKLLLLGAGESGKSTIVKQMKIIHEAGYSEEECKQYKAVVYSNTIQS
IIAIIRAMGRLKIDFGDSARADDARQLFVLAGAAEEGFMTAELAGVIKRLWKDSGVQACFNRSREYQLNDSAAYYLNDLD
RIAQPNYIPTQQDVLRTRVKTTGIVETHFTFKDLHFKMFDVGAQRSERKKWIHCFEGVTAIIFCVALSDYDLVLAEDEEM
NRMHESMKLFDSICNNKWFTDTSIILFLNKKDLFEEKIKKSPLTICYPEYAGSNTYEEAAAYIQCQFEDLNKRKDTKEIY
THFTCSTDTKNVQFVFDAVTDVIIKNNLKDCGLF
;
A
#
# COMPACT_ATOMS: atom_id res chain seq x y z
N SER A 20 -29.85 -23.99 42.97
CA SER A 20 -30.54 -25.00 42.18
C SER A 20 -31.62 -24.36 41.31
N GLU A 21 -32.04 -23.16 41.69
CA GLU A 21 -33.09 -22.46 40.94
C GLU A 21 -32.61 -22.01 39.57
N LEU A 22 -31.32 -21.69 39.44
CA LEU A 22 -30.77 -21.46 38.11
C LEU A 22 -30.55 -22.77 37.38
N ASP A 23 -30.31 -23.87 38.12
CA ASP A 23 -30.04 -25.15 37.48
C ASP A 23 -31.31 -25.79 36.94
N GLN A 24 -32.45 -25.57 37.60
CA GLN A 24 -33.71 -26.09 37.05
C GLN A 24 -34.17 -25.32 35.82
N LEU A 25 -33.69 -24.08 35.65
CA LEU A 25 -33.94 -23.34 34.43
C LEU A 25 -33.04 -23.78 33.29
N ARG A 26 -32.01 -24.59 33.56
CA ARG A 26 -31.08 -25.01 32.52
C ARG A 26 -31.70 -26.08 31.62
N GLN A 27 -32.14 -27.19 32.20
CA GLN A 27 -32.59 -28.32 31.40
C GLN A 27 -33.91 -28.05 30.70
N GLU A 28 -34.70 -27.09 31.20
CA GLU A 28 -35.87 -26.67 30.44
C GLU A 28 -35.48 -25.80 29.27
N ALA A 29 -34.34 -25.10 29.36
CA ALA A 29 -33.79 -24.41 28.20
C ALA A 29 -33.12 -25.37 27.23
N GLU A 30 -32.56 -26.48 27.74
CA GLU A 30 -31.95 -27.47 26.86
C GLU A 30 -33.01 -28.20 26.04
N GLN A 31 -34.15 -28.55 26.66
CA GLN A 31 -35.21 -29.17 25.87
C GLN A 31 -35.87 -28.18 24.94
N LEU A 32 -35.83 -26.89 25.27
CA LEU A 32 -36.22 -25.87 24.31
C LEU A 32 -35.23 -25.79 23.15
N LYS A 33 -33.94 -26.00 23.45
CA LYS A 33 -32.97 -26.19 22.38
C LYS A 33 -33.20 -27.53 21.66
N ASN A 34 -33.74 -28.52 22.37
CA ASN A 34 -34.21 -29.73 21.70
C ASN A 34 -35.56 -29.50 21.01
N GLN A 35 -36.34 -28.54 21.47
CA GLN A 35 -37.62 -28.22 20.83
C GLN A 35 -37.41 -27.59 19.46
N ILE A 36 -36.37 -26.77 19.30
CA ILE A 36 -36.12 -26.17 18.00
C ILE A 36 -35.41 -27.15 17.06
N ARG A 37 -34.43 -27.91 17.56
CA ARG A 37 -33.54 -28.64 16.66
C ARG A 37 -34.22 -29.85 16.01
N ASP A 38 -35.18 -30.48 16.68
CA ASP A 38 -35.94 -31.52 16.00
C ASP A 38 -36.93 -30.92 15.01
N ALA A 39 -37.44 -29.73 15.32
CA ALA A 39 -38.22 -28.97 14.34
C ALA A 39 -37.33 -28.44 13.22
N ARG A 40 -36.05 -28.18 13.51
CA ARG A 40 -35.08 -27.94 12.44
C ARG A 40 -34.93 -29.19 11.57
N LYS A 41 -34.85 -30.36 12.21
CA LYS A 41 -34.70 -31.60 11.45
C LYS A 41 -36.01 -32.06 10.83
N ALA A 42 -37.16 -31.63 11.36
CA ALA A 42 -38.43 -32.00 10.76
C ALA A 42 -38.63 -31.29 9.42
N CYS A 43 -38.15 -30.06 9.32
CA CYS A 43 -38.24 -29.33 8.05
C CYS A 43 -37.25 -29.86 7.03
N ALA A 44 -36.07 -30.28 7.47
CA ALA A 44 -34.98 -30.65 6.56
C ALA A 44 -35.00 -32.15 6.32
N ASP A 45 -35.37 -32.56 5.12
CA ASP A 45 -35.23 -33.94 4.66
C ASP A 45 -34.32 -34.07 3.45
N ALA A 46 -34.47 -33.18 2.48
CA ALA A 46 -33.64 -33.16 1.28
C ALA A 46 -32.86 -31.85 1.24
N THR A 47 -31.55 -31.95 1.01
CA THR A 47 -30.71 -30.77 0.95
C THR A 47 -30.81 -30.10 -0.41
N LEU A 48 -30.18 -28.92 -0.52
CA LEU A 48 -30.14 -28.20 -1.79
C LEU A 48 -29.20 -28.86 -2.79
N SER A 49 -28.26 -29.68 -2.34
CA SER A 49 -27.28 -30.28 -3.24
C SER A 49 -27.92 -31.29 -4.17
N GLN A 50 -28.90 -32.05 -3.69
CA GLN A 50 -29.62 -32.96 -4.58
C GLN A 50 -30.54 -32.23 -5.54
N ILE A 51 -30.98 -31.03 -5.17
CA ILE A 51 -31.86 -30.23 -6.02
C ILE A 51 -31.09 -29.71 -7.23
N THR A 52 -29.84 -29.29 -7.02
CA THR A 52 -29.02 -28.71 -8.07
C THR A 52 -28.20 -29.74 -8.85
N ASN A 53 -28.69 -30.98 -8.97
CA ASN A 53 -28.01 -31.94 -9.81
C ASN A 53 -28.29 -31.70 -11.28
N ASN A 54 -29.51 -31.32 -11.63
CA ASN A 54 -29.90 -31.19 -13.04
C ASN A 54 -29.36 -29.93 -13.68
N ILE A 55 -29.06 -28.89 -12.89
CA ILE A 55 -28.66 -27.60 -13.44
C ILE A 55 -27.26 -27.72 -14.03
N ASP A 56 -27.07 -27.10 -15.20
CA ASP A 56 -25.78 -27.14 -15.89
C ASP A 56 -24.74 -26.38 -15.07
N PRO A 57 -23.57 -26.97 -14.80
CA PRO A 57 -22.54 -26.27 -14.03
C PRO A 57 -22.01 -25.04 -14.75
N VAL A 58 -21.48 -24.11 -13.96
CA VAL A 58 -21.01 -22.83 -14.48
C VAL A 58 -19.78 -23.01 -15.36
N GLY A 59 -18.96 -24.01 -15.08
CA GLY A 59 -17.77 -24.27 -15.89
C GLY A 59 -16.56 -23.57 -15.32
N ARG A 60 -15.83 -22.87 -16.18
CA ARG A 60 -14.62 -22.15 -15.79
C ARG A 60 -14.86 -20.66 -15.87
N ILE A 61 -14.32 -19.93 -14.90
CA ILE A 61 -14.47 -18.48 -14.82
C ILE A 61 -13.05 -17.89 -14.82
N GLN A 62 -12.56 -17.55 -16.01
CA GLN A 62 -11.25 -16.93 -16.14
C GLN A 62 -11.41 -15.42 -15.96
N MET A 63 -10.73 -14.87 -14.95
CA MET A 63 -10.84 -13.46 -14.62
C MET A 63 -9.43 -12.87 -14.62
N ARG A 64 -9.25 -11.78 -15.36
CA ARG A 64 -7.96 -11.12 -15.47
C ARG A 64 -8.02 -9.73 -14.85
N THR A 65 -6.89 -9.30 -14.31
CA THR A 65 -6.82 -8.03 -13.58
C THR A 65 -6.88 -6.89 -14.59
N ARG A 66 -8.05 -6.26 -14.68
CA ARG A 66 -8.21 -5.12 -15.58
C ARG A 66 -7.47 -3.91 -15.06
N ARG A 67 -7.68 -3.57 -13.79
CA ARG A 67 -7.09 -2.41 -13.15
C ARG A 67 -6.44 -2.81 -11.84
N THR A 68 -5.33 -2.17 -11.51
CA THR A 68 -4.63 -2.41 -10.25
C THR A 68 -4.64 -1.09 -9.47
N LEU A 69 -5.47 -1.03 -8.43
CA LEU A 69 -5.71 0.21 -7.69
C LEU A 69 -4.74 0.31 -6.51
N ARG A 70 -3.45 0.23 -6.81
CA ARG A 70 -2.43 0.31 -5.79
C ARG A 70 -2.02 1.75 -5.55
N GLY A 71 -1.29 1.96 -4.46
CA GLY A 71 -0.93 3.31 -4.04
C GLY A 71 -0.85 3.45 -2.53
N HIS A 72 -1.41 2.49 -1.80
CA HIS A 72 -1.22 2.45 -0.36
C HIS A 72 0.22 2.06 -0.03
N LEU A 73 0.57 2.16 1.25
CA LEU A 73 1.91 1.81 1.70
C LEU A 73 1.96 0.68 2.72
N ALA A 74 0.86 0.39 3.42
CA ALA A 74 0.85 -0.65 4.42
C ALA A 74 -0.27 -1.65 4.13
N LYS A 75 -0.55 -2.53 5.10
CA LYS A 75 -1.53 -3.60 4.89
C LYS A 75 -2.93 -3.03 4.71
N ILE A 76 -3.57 -3.39 3.61
CA ILE A 76 -4.93 -2.97 3.30
C ILE A 76 -5.89 -3.91 4.00
N TYR A 77 -6.80 -3.35 4.80
CA TYR A 77 -7.64 -4.14 5.69
C TYR A 77 -9.10 -4.21 5.30
N ALA A 78 -9.66 -3.14 4.72
CA ALA A 78 -11.07 -3.15 4.39
C ALA A 78 -11.31 -2.35 3.12
N MET A 79 -12.34 -2.75 2.38
CA MET A 79 -12.83 -1.97 1.26
C MET A 79 -14.35 -1.95 1.27
N HIS A 80 -14.91 -1.01 0.53
CA HIS A 80 -16.36 -0.99 0.29
C HIS A 80 -16.63 -0.30 -1.04
N TRP A 81 -17.55 -0.87 -1.82
CA TRP A 81 -17.92 -0.32 -3.11
C TRP A 81 -18.92 0.81 -2.95
N GLY A 82 -18.83 1.78 -3.86
CA GLY A 82 -19.84 2.82 -3.94
C GLY A 82 -21.07 2.37 -4.71
N THR A 83 -22.14 3.16 -4.59
CA THR A 83 -23.38 2.84 -5.27
C THR A 83 -23.29 3.07 -6.78
N ASP A 84 -22.44 4.00 -7.21
CA ASP A 84 -22.25 4.22 -8.64
C ASP A 84 -21.40 3.13 -9.29
N SER A 85 -20.79 2.25 -8.49
CA SER A 85 -19.89 1.18 -8.93
C SER A 85 -18.68 1.72 -9.69
N ARG A 86 -18.27 2.94 -9.38
CA ARG A 86 -17.04 3.54 -9.88
C ARG A 86 -16.08 3.87 -8.76
N LEU A 87 -16.58 4.51 -7.70
CA LEU A 87 -15.76 4.87 -6.56
C LEU A 87 -15.78 3.76 -5.52
N LEU A 88 -14.64 3.54 -4.88
CA LEU A 88 -14.55 2.65 -3.73
C LEU A 88 -13.65 3.27 -2.68
N VAL A 89 -13.91 2.92 -1.43
CA VAL A 89 -13.13 3.39 -0.29
C VAL A 89 -12.28 2.23 0.20
N SER A 90 -11.00 2.49 0.45
CA SER A 90 -10.07 1.46 0.92
C SER A 90 -9.38 1.94 2.20
N ALA A 91 -9.38 1.10 3.21
CA ALA A 91 -8.75 1.39 4.49
C ALA A 91 -7.48 0.56 4.65
N SER A 92 -6.38 1.22 4.98
CA SER A 92 -5.10 0.57 5.20
C SER A 92 -4.56 0.96 6.57
N GLN A 93 -3.67 0.11 7.10
CA GLN A 93 -3.20 0.28 8.46
C GLN A 93 -2.10 1.33 8.59
N ASP A 94 -1.70 1.97 7.48
CA ASP A 94 -0.74 3.07 7.57
C ASP A 94 -1.34 4.27 8.30
N GLY A 95 -2.64 4.49 8.16
CA GLY A 95 -3.31 5.59 8.82
C GLY A 95 -3.95 6.54 7.84
N LYS A 96 -4.11 6.10 6.59
CA LYS A 96 -4.69 6.91 5.53
C LYS A 96 -5.87 6.19 4.91
N LEU A 97 -6.92 6.95 4.64
CA LEU A 97 -8.14 6.44 4.01
C LEU A 97 -8.23 7.02 2.61
N ILE A 98 -8.40 6.17 1.61
CA ILE A 98 -8.35 6.59 0.21
C ILE A 98 -9.65 6.21 -0.47
N ILE A 99 -10.31 7.20 -1.08
CA ILE A 99 -11.40 6.98 -2.01
C ILE A 99 -10.81 6.81 -3.39
N TRP A 100 -11.30 5.81 -4.13
CA TRP A 100 -10.67 5.39 -5.38
C TRP A 100 -11.56 5.65 -6.57
N ASP A 101 -11.02 5.38 -7.76
CA ASP A 101 -11.76 5.36 -9.02
C ASP A 101 -11.40 4.08 -9.75
N SER A 102 -12.41 3.42 -10.32
CA SER A 102 -12.21 2.08 -10.86
C SER A 102 -11.55 2.10 -12.23
N TYR A 103 -12.17 2.74 -13.22
CA TYR A 103 -11.69 2.66 -14.60
C TYR A 103 -10.38 3.40 -14.78
N THR A 104 -10.30 4.64 -14.33
CA THR A 104 -9.15 5.49 -14.59
C THR A 104 -8.00 5.28 -13.63
N THR A 105 -8.21 4.50 -12.55
CA THR A 105 -7.18 4.11 -11.58
C THR A 105 -6.47 5.31 -10.95
N ASN A 106 -7.23 6.36 -10.67
CA ASN A 106 -6.68 7.56 -10.03
C ASN A 106 -7.43 7.83 -8.74
N LYS A 107 -6.68 8.00 -7.65
CA LYS A 107 -7.29 8.28 -6.37
C LYS A 107 -7.86 9.69 -6.34
N VAL A 108 -9.03 9.84 -5.69
CA VAL A 108 -9.78 11.08 -5.69
C VAL A 108 -9.67 11.80 -4.34
N HIS A 109 -9.60 11.05 -3.24
CA HIS A 109 -9.46 11.64 -1.92
C HIS A 109 -8.53 10.80 -1.08
N ALA A 110 -7.64 11.46 -0.33
CA ALA A 110 -6.79 10.82 0.66
C ALA A 110 -7.11 11.42 2.02
N ILE A 111 -7.55 10.60 2.96
CA ILE A 111 -8.08 11.06 4.23
C ILE A 111 -7.10 10.62 5.32
N PRO A 112 -6.44 11.56 6.01
CA PRO A 112 -5.68 11.19 7.20
C PRO A 112 -6.61 10.78 8.34
N LEU A 113 -6.11 9.89 9.18
CA LEU A 113 -6.87 9.36 10.30
C LEU A 113 -6.25 9.83 11.61
N ARG A 114 -7.12 10.19 12.57
CA ARG A 114 -6.65 10.55 13.91
C ARG A 114 -6.01 9.33 14.59
N SER A 115 -6.64 8.17 14.45
CA SER A 115 -6.08 6.91 14.92
C SER A 115 -5.73 6.07 13.70
N SER A 116 -4.45 5.70 13.58
CA SER A 116 -3.99 4.90 12.45
C SER A 116 -4.51 3.48 12.48
N TRP A 117 -5.03 3.02 13.62
CA TRP A 117 -5.53 1.65 13.74
C TRP A 117 -6.95 1.60 13.21
N VAL A 118 -7.13 0.97 12.06
CA VAL A 118 -8.41 0.88 11.37
C VAL A 118 -8.58 -0.54 10.86
N MET A 119 -9.78 -1.10 11.08
CA MET A 119 -10.11 -2.44 10.60
C MET A 119 -11.39 -2.48 9.77
N THR A 120 -12.04 -1.34 9.54
CA THR A 120 -13.27 -1.33 8.75
C THR A 120 -13.46 0.02 8.08
N CYS A 121 -14.27 0.02 7.03
CA CYS A 121 -14.64 1.24 6.33
C CYS A 121 -16.00 1.02 5.67
N ALA A 122 -16.72 2.12 5.48
CA ALA A 122 -18.05 2.07 4.89
C ALA A 122 -18.25 3.25 3.95
N TYR A 123 -18.86 2.99 2.80
CA TYR A 123 -19.26 4.01 1.87
C TYR A 123 -20.78 4.15 1.95
N ALA A 124 -21.25 5.38 2.11
CA ALA A 124 -22.67 5.63 2.23
C ALA A 124 -23.39 5.33 0.90
N PRO A 125 -24.63 4.83 0.97
CA PRO A 125 -25.40 4.64 -0.28
C PRO A 125 -25.66 5.92 -1.03
N SER A 126 -25.81 7.05 -0.32
CA SER A 126 -25.97 8.33 -0.99
C SER A 126 -24.66 8.87 -1.55
N GLY A 127 -23.52 8.36 -1.09
CA GLY A 127 -22.23 8.82 -1.55
C GLY A 127 -21.71 10.07 -0.86
N ASN A 128 -22.47 10.63 0.08
CA ASN A 128 -22.04 11.85 0.77
C ASN A 128 -20.99 11.55 1.84
N TYR A 129 -21.12 10.43 2.54
CA TYR A 129 -20.34 10.19 3.75
C TYR A 129 -19.52 8.91 3.64
N VAL A 130 -18.49 8.84 4.47
CA VAL A 130 -17.65 7.65 4.62
C VAL A 130 -17.42 7.42 6.10
N ALA A 131 -17.69 6.20 6.57
CA ALA A 131 -17.48 5.82 7.96
C ALA A 131 -16.16 5.09 8.10
N CYS A 132 -15.40 5.40 9.15
CA CYS A 132 -14.14 4.77 9.43
C CYS A 132 -14.04 4.48 10.92
N GLY A 133 -13.47 3.33 11.26
CA GLY A 133 -13.35 2.94 12.66
C GLY A 133 -12.00 2.34 13.01
N GLY A 134 -12.01 1.32 13.84
CA GLY A 134 -10.78 0.65 14.26
C GLY A 134 -10.90 0.17 15.68
N LEU A 135 -9.76 -0.16 16.27
CA LEU A 135 -9.73 -0.67 17.64
C LEU A 135 -9.61 0.43 18.68
N ASP A 136 -9.70 1.69 18.27
CA ASP A 136 -9.58 2.83 19.18
C ASP A 136 -10.86 3.16 19.92
N ASN A 137 -11.90 2.33 19.75
CA ASN A 137 -13.25 2.50 20.33
C ASN A 137 -13.95 3.76 19.85
N ILE A 138 -13.54 4.31 18.69
CA ILE A 138 -14.14 5.50 18.12
C ILE A 138 -14.58 5.19 16.70
N CYS A 139 -15.82 5.57 16.37
CA CYS A 139 -16.30 5.53 15.00
C CYS A 139 -16.21 6.94 14.41
N SER A 140 -15.60 7.06 13.24
CA SER A 140 -15.40 8.35 12.61
C SER A 140 -16.14 8.38 11.28
N ILE A 141 -16.96 9.40 11.09
CA ILE A 141 -17.75 9.59 9.88
C ILE A 141 -17.30 10.88 9.21
N TYR A 142 -16.93 10.80 7.93
CA TYR A 142 -16.37 11.91 7.20
C TYR A 142 -17.28 12.32 6.06
N ASN A 143 -17.50 13.63 5.92
CA ASN A 143 -18.30 14.17 4.84
C ASN A 143 -17.41 14.40 3.63
N LEU A 144 -17.76 13.78 2.50
CA LEU A 144 -16.92 13.89 1.31
C LEU A 144 -17.21 15.18 0.55
N LYS A 145 -18.44 15.33 0.04
CA LYS A 145 -18.80 16.48 -0.79
C LYS A 145 -19.30 17.60 0.11
N THR A 146 -18.35 18.30 0.73
CA THR A 146 -18.66 19.43 1.58
C THR A 146 -18.72 20.71 0.76
N ARG A 147 -19.53 21.65 1.24
CA ARG A 147 -19.47 23.02 0.73
C ARG A 147 -18.13 23.66 1.09
N GLU A 148 -17.52 23.20 2.18
CA GLU A 148 -16.17 23.61 2.56
C GLU A 148 -15.14 23.26 1.48
N GLY A 149 -15.32 22.11 0.82
CA GLY A 149 -14.41 21.66 -0.21
C GLY A 149 -13.35 20.69 0.28
N ASN A 150 -13.00 20.75 1.55
CA ASN A 150 -12.14 19.77 2.18
C ASN A 150 -13.00 18.62 2.72
N VAL A 151 -12.35 17.57 3.19
CA VAL A 151 -13.03 16.45 3.83
C VAL A 151 -12.79 16.56 5.33
N ARG A 152 -13.86 16.82 6.07
CA ARG A 152 -13.81 16.95 7.51
C ARG A 152 -14.68 15.88 8.15
N VAL A 153 -14.27 15.44 9.34
CA VAL A 153 -15.10 14.53 10.12
C VAL A 153 -16.33 15.29 10.60
N SER A 154 -17.51 14.69 10.41
CA SER A 154 -18.75 15.32 10.86
C SER A 154 -18.77 15.43 12.38
N ARG A 155 -18.52 14.32 13.06
CA ARG A 155 -18.31 14.24 14.50
C ARG A 155 -17.77 12.87 14.84
N GLU A 156 -17.13 12.76 16.00
CA GLU A 156 -16.67 11.47 16.47
C GLU A 156 -17.80 10.75 17.21
N LEU A 157 -17.74 9.42 17.19
CA LEU A 157 -18.79 8.57 17.74
C LEU A 157 -18.15 7.62 18.74
N ALA A 158 -18.41 7.84 20.03
CA ALA A 158 -17.73 7.12 21.11
C ALA A 158 -18.76 6.59 22.10
N GLY A 159 -19.14 5.33 21.94
CA GLY A 159 -20.02 4.69 22.89
C GLY A 159 -19.69 3.22 23.12
N HIS A 160 -18.63 2.74 22.50
CA HIS A 160 -18.25 1.33 22.57
C HIS A 160 -17.01 1.15 23.43
N THR A 161 -16.86 -0.06 23.97
CA THR A 161 -15.75 -0.39 24.86
C THR A 161 -14.89 -1.54 24.35
N GLY A 162 -15.03 -1.92 23.07
CA GLY A 162 -14.24 -3.00 22.52
C GLY A 162 -13.35 -2.58 21.36
N TYR A 163 -13.62 -3.12 20.18
CA TYR A 163 -12.92 -2.71 18.97
C TYR A 163 -13.91 -2.78 17.81
N LEU A 164 -14.00 -1.70 17.03
CA LEU A 164 -15.01 -1.58 15.97
C LEU A 164 -14.64 -2.53 14.84
N SER A 165 -15.25 -3.71 14.84
CA SER A 165 -14.90 -4.72 13.86
C SER A 165 -15.44 -4.37 12.48
N CYS A 166 -16.69 -3.94 12.40
CA CYS A 166 -17.25 -3.54 11.12
C CYS A 166 -18.37 -2.53 11.33
N CYS A 167 -18.37 -1.48 10.52
CA CYS A 167 -19.43 -0.48 10.52
C CYS A 167 -20.03 -0.41 9.13
N ARG A 168 -21.36 -0.35 9.06
CA ARG A 168 -22.07 -0.31 7.79
C ARG A 168 -23.12 0.78 7.82
N PHE A 169 -23.36 1.40 6.66
CA PHE A 169 -24.31 2.49 6.53
C PHE A 169 -25.67 1.90 6.17
N LEU A 170 -26.59 1.88 7.14
CA LEU A 170 -27.96 1.50 6.85
C LEU A 170 -28.67 2.59 6.07
N ASP A 171 -28.37 3.85 6.39
CA ASP A 171 -29.02 5.00 5.78
C ASP A 171 -28.02 6.15 5.86
N ASP A 172 -28.39 7.29 5.25
CA ASP A 172 -27.60 8.51 5.38
C ASP A 172 -27.53 8.96 6.84
N ASN A 173 -28.64 8.82 7.57
CA ASN A 173 -28.69 9.25 8.96
C ASN A 173 -28.53 8.10 9.95
N GLN A 174 -28.73 6.86 9.53
CA GLN A 174 -28.68 5.70 10.42
C GLN A 174 -27.51 4.82 10.02
N ILE A 175 -26.65 4.51 10.99
CA ILE A 175 -25.46 3.68 10.76
C ILE A 175 -25.43 2.59 11.81
N VAL A 176 -25.23 1.35 11.37
CA VAL A 176 -25.15 0.18 12.25
C VAL A 176 -23.72 -0.31 12.24
N THR A 177 -23.13 -0.46 13.44
CA THR A 177 -21.76 -0.91 13.56
C THR A 177 -21.68 -2.15 14.45
N SER A 178 -20.59 -2.90 14.26
CA SER A 178 -20.33 -4.11 15.02
C SER A 178 -18.99 -3.95 15.72
N SER A 179 -18.98 -4.08 17.05
CA SER A 179 -17.81 -3.74 17.84
C SER A 179 -17.42 -4.91 18.74
N GLY A 180 -16.16 -4.87 19.19
CA GLY A 180 -15.58 -5.94 19.95
C GLY A 180 -15.96 -6.03 21.42
N ASP A 181 -16.90 -5.20 21.87
CA ASP A 181 -17.44 -5.29 23.22
C ASP A 181 -18.65 -6.22 23.31
N THR A 182 -18.71 -7.23 22.43
CA THR A 182 -19.76 -8.25 22.33
C THR A 182 -21.14 -7.66 22.05
N THR A 183 -21.21 -6.44 21.53
CA THR A 183 -22.47 -5.77 21.25
C THR A 183 -22.44 -5.12 19.87
N CYS A 184 -23.63 -4.99 19.28
CA CYS A 184 -23.84 -4.19 18.09
C CYS A 184 -24.76 -3.03 18.45
N ALA A 185 -24.52 -1.86 17.87
CA ALA A 185 -25.25 -0.66 18.24
C ALA A 185 -25.72 0.08 17.00
N LEU A 186 -26.98 0.53 17.02
CA LEU A 186 -27.49 1.42 15.99
C LEU A 186 -27.30 2.86 16.45
N TRP A 187 -26.74 3.69 15.58
CA TRP A 187 -26.41 5.07 15.88
C TRP A 187 -27.27 6.02 15.06
N ASP A 188 -27.22 7.29 15.43
CA ASP A 188 -27.72 8.37 14.61
C ASP A 188 -26.75 9.54 14.68
N ILE A 189 -26.53 10.20 13.55
CA ILE A 189 -25.49 11.21 13.44
C ILE A 189 -25.87 12.47 14.22
N GLU A 190 -27.15 12.86 14.16
CA GLU A 190 -27.58 14.17 14.66
C GLU A 190 -27.45 14.29 16.17
N THR A 191 -27.49 13.17 16.91
CA THR A 191 -27.30 13.20 18.35
C THR A 191 -26.10 12.40 18.84
N GLY A 192 -25.62 11.43 18.07
CA GLY A 192 -24.45 10.66 18.44
C GLY A 192 -24.63 9.75 19.64
N GLN A 193 -25.80 9.14 19.78
CA GLN A 193 -26.09 8.22 20.87
C GLN A 193 -26.74 6.97 20.33
N GLN A 194 -26.67 5.89 21.10
CA GLN A 194 -27.27 4.62 20.72
C GLN A 194 -28.79 4.73 20.81
N THR A 195 -29.46 4.77 19.65
CA THR A 195 -30.92 4.69 19.65
C THR A 195 -31.37 3.31 20.10
N THR A 196 -30.81 2.26 19.49
CA THR A 196 -31.01 0.88 19.92
C THR A 196 -29.66 0.18 19.94
N THR A 197 -29.41 -0.59 20.99
CA THR A 197 -28.23 -1.42 21.09
C THR A 197 -28.65 -2.89 21.10
N PHE A 198 -27.83 -3.73 20.48
CA PHE A 198 -28.13 -5.15 20.30
C PHE A 198 -27.15 -5.97 21.12
N THR A 199 -27.70 -6.75 22.06
CA THR A 199 -26.90 -7.58 22.96
C THR A 199 -27.37 -9.02 22.86
N GLY A 200 -26.45 -9.96 23.11
CA GLY A 200 -26.78 -11.36 23.05
C GLY A 200 -25.66 -12.24 22.54
N HIS A 201 -24.64 -11.63 21.94
CA HIS A 201 -23.45 -12.36 21.50
C HIS A 201 -22.47 -12.46 22.67
N THR A 202 -22.07 -13.68 23.00
CA THR A 202 -21.20 -13.88 24.16
C THR A 202 -19.79 -13.38 23.88
N GLY A 203 -19.26 -13.62 22.67
CA GLY A 203 -17.97 -13.12 22.28
C GLY A 203 -18.07 -11.88 21.40
N ASP A 204 -16.90 -11.38 21.01
CA ASP A 204 -16.82 -10.17 20.21
C ASP A 204 -17.26 -10.45 18.79
N VAL A 205 -18.13 -9.59 18.25
CA VAL A 205 -18.58 -9.76 16.87
C VAL A 205 -17.50 -9.28 15.93
N MET A 206 -17.48 -9.86 14.73
CA MET A 206 -16.42 -9.57 13.76
C MET A 206 -16.93 -8.95 12.46
N SER A 207 -18.15 -9.25 12.03
CA SER A 207 -18.66 -8.71 10.79
C SER A 207 -20.17 -8.68 10.84
N LEU A 208 -20.75 -7.86 9.96
CA LEU A 208 -22.19 -7.75 9.84
C LEU A 208 -22.52 -7.32 8.41
N SER A 209 -23.62 -7.85 7.88
CA SER A 209 -24.02 -7.58 6.51
C SER A 209 -25.53 -7.39 6.48
N LEU A 210 -25.97 -6.18 6.21
CA LEU A 210 -27.40 -5.86 6.21
C LEU A 210 -28.06 -6.31 4.91
N ALA A 211 -29.36 -6.59 5.01
CA ALA A 211 -30.16 -6.99 3.86
C ALA A 211 -30.38 -5.79 2.94
N PRO A 212 -30.70 -6.03 1.66
CA PRO A 212 -30.95 -4.89 0.74
C PRO A 212 -32.10 -3.99 1.13
N ASP A 213 -33.14 -4.51 1.79
CA ASP A 213 -34.26 -3.66 2.19
C ASP A 213 -33.97 -2.84 3.44
N THR A 214 -32.81 -3.07 4.09
CA THR A 214 -32.32 -2.32 5.25
C THR A 214 -33.31 -2.34 6.42
N ARG A 215 -33.95 -3.50 6.63
CA ARG A 215 -34.86 -3.70 7.74
C ARG A 215 -34.40 -4.79 8.69
N LEU A 216 -33.83 -5.87 8.17
CA LEU A 216 -33.27 -6.95 8.96
C LEU A 216 -31.77 -7.04 8.66
N PHE A 217 -30.98 -7.35 9.68
CA PHE A 217 -29.54 -7.54 9.46
C PHE A 217 -29.04 -8.64 10.37
N VAL A 218 -27.88 -9.19 9.99
CA VAL A 218 -27.27 -10.32 10.67
C VAL A 218 -25.87 -9.94 11.10
N SER A 219 -25.40 -10.54 12.19
CA SER A 219 -24.06 -10.31 12.71
C SER A 219 -23.41 -11.64 13.05
N GLY A 220 -22.10 -11.71 12.83
CA GLY A 220 -21.33 -12.90 13.15
C GLY A 220 -20.27 -12.57 14.20
N ALA A 221 -19.97 -13.55 15.04
CA ALA A 221 -19.09 -13.34 16.18
C ALA A 221 -18.10 -14.50 16.31
N CYS A 222 -17.30 -14.43 17.37
CA CYS A 222 -16.43 -15.54 17.77
C CYS A 222 -17.16 -16.48 18.73
N ASP A 223 -18.35 -16.89 18.32
CA ASP A 223 -19.20 -17.79 19.07
C ASP A 223 -19.45 -19.11 18.35
N ALA A 224 -18.89 -19.27 17.14
CA ALA A 224 -19.28 -20.29 16.16
C ALA A 224 -20.79 -20.26 15.88
N SER A 225 -21.34 -19.05 15.85
CA SER A 225 -22.76 -18.85 15.64
C SER A 225 -22.99 -17.42 15.15
N ALA A 226 -24.12 -17.22 14.48
CA ALA A 226 -24.54 -15.90 14.02
C ALA A 226 -25.99 -15.69 14.40
N LYS A 227 -26.33 -14.43 14.71
CA LYS A 227 -27.68 -14.11 15.17
C LYS A 227 -28.27 -12.98 14.34
N LEU A 228 -29.54 -13.15 13.98
CA LEU A 228 -30.28 -12.14 13.24
C LEU A 228 -30.69 -10.99 14.15
N TRP A 229 -30.97 -9.84 13.56
CA TRP A 229 -31.40 -8.67 14.30
C TRP A 229 -32.42 -7.90 13.49
N ASP A 230 -33.44 -7.38 14.16
CA ASP A 230 -34.35 -6.41 13.57
C ASP A 230 -33.93 -5.02 14.02
N VAL A 231 -33.84 -4.10 13.07
CA VAL A 231 -33.26 -2.79 13.33
C VAL A 231 -34.18 -1.94 14.20
N ARG A 232 -35.49 -2.03 13.96
CA ARG A 232 -36.43 -1.04 14.50
C ARG A 232 -36.59 -1.15 16.01
N GLU A 233 -36.82 -2.36 16.52
CA GLU A 233 -37.00 -2.56 17.95
C GLU A 233 -35.82 -3.23 18.63
N GLY A 234 -34.82 -3.69 17.86
CA GLY A 234 -33.59 -4.20 18.44
C GLY A 234 -33.69 -5.51 19.21
N MET A 235 -34.48 -6.46 18.73
CA MET A 235 -34.56 -7.76 19.34
C MET A 235 -34.03 -8.83 18.38
N CYS A 236 -33.48 -9.89 18.95
CA CYS A 236 -32.93 -10.97 18.14
C CYS A 236 -34.06 -11.79 17.54
N ARG A 237 -34.01 -12.01 16.23
CA ARG A 237 -35.01 -12.77 15.52
C ARG A 237 -34.64 -14.24 15.36
N GLN A 238 -33.42 -14.51 14.90
CA GLN A 238 -32.98 -15.86 14.64
C GLN A 238 -31.59 -16.08 15.24
N THR A 239 -31.30 -17.34 15.56
CA THR A 239 -29.99 -17.75 16.06
C THR A 239 -29.48 -18.87 15.18
N PHE A 240 -28.46 -18.58 14.38
CA PHE A 240 -27.92 -19.53 13.40
C PHE A 240 -26.58 -20.05 13.90
N THR A 241 -26.48 -21.38 14.02
CA THR A 241 -25.24 -22.01 14.43
C THR A 241 -24.98 -23.21 13.53
N GLY A 242 -23.79 -23.79 13.67
CA GLY A 242 -23.35 -24.87 12.81
C GLY A 242 -21.87 -24.73 12.52
N HIS A 243 -21.32 -23.56 12.82
CA HIS A 243 -19.89 -23.34 12.73
C HIS A 243 -19.19 -24.01 13.90
N GLU A 244 -17.87 -24.16 13.77
CA GLU A 244 -17.05 -24.75 14.82
C GLU A 244 -15.88 -23.86 15.23
N SER A 245 -15.78 -22.65 14.68
CA SER A 245 -14.82 -21.65 15.14
C SER A 245 -15.38 -20.26 14.82
N ASP A 246 -14.55 -19.25 15.03
CA ASP A 246 -14.97 -17.86 14.92
C ASP A 246 -15.29 -17.47 13.49
N ILE A 247 -16.40 -16.74 13.32
CA ILE A 247 -16.77 -16.21 12.01
C ILE A 247 -16.00 -14.93 11.77
N ASN A 248 -15.20 -14.91 10.71
CA ASN A 248 -14.40 -13.72 10.40
C ASN A 248 -15.16 -12.74 9.51
N ALA A 249 -15.95 -13.23 8.56
CA ALA A 249 -16.67 -12.36 7.65
C ALA A 249 -18.01 -13.00 7.29
N ILE A 250 -19.01 -12.15 7.07
CA ILE A 250 -20.35 -12.59 6.69
C ILE A 250 -20.80 -11.74 5.50
N CYS A 251 -21.71 -12.30 4.71
CA CYS A 251 -22.31 -11.59 3.58
C CYS A 251 -23.74 -12.04 3.43
N PHE A 252 -24.54 -11.18 2.78
CA PHE A 252 -25.96 -11.42 2.59
C PHE A 252 -26.26 -11.68 1.13
N PHE A 253 -27.18 -12.61 0.88
CA PHE A 253 -27.67 -12.86 -0.46
C PHE A 253 -28.45 -11.63 -0.94
N PRO A 254 -28.13 -11.08 -2.12
CA PRO A 254 -28.86 -9.90 -2.61
C PRO A 254 -30.35 -10.12 -2.88
N ASN A 255 -30.81 -11.37 -2.93
CA ASN A 255 -32.25 -11.64 -2.88
C ASN A 255 -32.84 -11.20 -1.54
N GLY A 256 -32.05 -11.21 -0.47
CA GLY A 256 -32.53 -10.89 0.85
C GLY A 256 -33.18 -12.03 1.58
N ASN A 257 -33.16 -13.24 1.00
CA ASN A 257 -33.81 -14.41 1.59
C ASN A 257 -32.79 -15.42 2.11
N ALA A 258 -31.50 -15.09 2.07
CA ALA A 258 -30.45 -16.02 2.49
C ALA A 258 -29.22 -15.20 2.87
N PHE A 259 -28.20 -15.89 3.36
CA PHE A 259 -26.89 -15.30 3.62
C PHE A 259 -25.87 -16.42 3.72
N ALA A 260 -24.59 -16.04 3.67
CA ALA A 260 -23.49 -16.99 3.78
C ALA A 260 -22.40 -16.43 4.68
N THR A 261 -21.65 -17.33 5.31
CA THR A 261 -20.66 -16.98 6.32
C THR A 261 -19.29 -17.52 5.95
N GLY A 262 -18.27 -16.90 6.50
CA GLY A 262 -16.92 -17.41 6.41
C GLY A 262 -16.25 -17.38 7.77
N SER A 263 -15.41 -18.39 8.02
CA SER A 263 -14.84 -18.59 9.35
C SER A 263 -13.36 -18.99 9.20
N ASP A 264 -12.77 -19.35 10.33
CA ASP A 264 -11.42 -19.89 10.37
C ASP A 264 -11.37 -21.39 10.12
N ASP A 265 -12.52 -22.04 9.98
CA ASP A 265 -12.60 -23.48 9.77
C ASP A 265 -12.41 -23.87 8.31
N ALA A 266 -12.15 -22.90 7.43
CA ALA A 266 -12.03 -23.08 5.98
C ALA A 266 -13.30 -23.66 5.36
N THR A 267 -14.46 -23.40 5.99
CA THR A 267 -15.75 -23.83 5.49
C THR A 267 -16.66 -22.62 5.33
N CYS A 268 -17.19 -22.43 4.13
CA CYS A 268 -18.18 -21.39 3.86
C CYS A 268 -19.55 -22.04 3.84
N ARG A 269 -20.45 -21.57 4.71
CA ARG A 269 -21.75 -22.20 4.89
C ARG A 269 -22.86 -21.25 4.49
N LEU A 270 -23.90 -21.82 3.86
CA LEU A 270 -25.02 -21.06 3.32
C LEU A 270 -26.25 -21.31 4.18
N PHE A 271 -26.94 -20.24 4.58
CA PHE A 271 -28.09 -20.32 5.46
C PHE A 271 -29.26 -19.55 4.86
N ASP A 272 -30.47 -20.03 5.15
CA ASP A 272 -31.70 -19.32 4.82
C ASP A 272 -32.26 -18.73 6.10
N LEU A 273 -32.98 -17.60 5.97
CA LEU A 273 -33.50 -16.90 7.14
C LEU A 273 -34.64 -17.65 7.80
N ARG A 274 -35.76 -17.82 7.07
CA ARG A 274 -36.93 -18.45 7.68
C ARG A 274 -36.89 -19.96 7.58
N ALA A 275 -36.14 -20.50 6.61
CA ALA A 275 -35.95 -21.94 6.52
C ALA A 275 -34.86 -22.44 7.45
N ASP A 276 -34.12 -21.52 8.08
CA ASP A 276 -33.17 -21.64 9.20
C ASP A 276 -32.35 -22.93 9.23
N GLN A 277 -31.75 -23.30 8.10
CA GLN A 277 -30.98 -24.52 8.02
C GLN A 277 -29.68 -24.27 7.29
N GLU A 278 -28.71 -25.14 7.56
CA GLU A 278 -27.43 -25.15 6.84
C GLU A 278 -27.65 -25.90 5.54
N LEU A 279 -27.64 -25.17 4.43
CA LEU A 279 -27.89 -25.79 3.13
C LEU A 279 -26.70 -26.63 2.68
N MET A 280 -25.50 -26.06 2.70
CA MET A 280 -24.27 -26.79 2.42
C MET A 280 -23.09 -26.04 3.02
N THR A 281 -21.97 -26.75 3.10
CA THR A 281 -20.70 -26.19 3.51
C THR A 281 -19.74 -26.21 2.33
N TYR A 282 -19.06 -25.10 2.08
CA TYR A 282 -18.10 -24.98 1.00
C TYR A 282 -16.72 -25.24 1.58
N SER A 283 -16.29 -26.50 1.52
CA SER A 283 -15.03 -26.93 2.09
C SER A 283 -14.29 -27.82 1.10
N HIS A 284 -12.97 -27.65 1.04
CA HIS A 284 -12.09 -28.50 0.24
C HIS A 284 -10.92 -28.92 1.12
N ASP A 285 -10.40 -30.12 0.85
CA ASP A 285 -9.35 -30.69 1.70
C ASP A 285 -8.05 -29.90 1.60
N ASN A 286 -7.71 -29.42 0.40
CA ASN A 286 -6.53 -28.59 0.23
C ASN A 286 -6.69 -27.22 0.88
N ILE A 287 -7.93 -26.77 1.11
CA ILE A 287 -8.18 -25.51 1.78
C ILE A 287 -8.24 -25.79 3.28
N ILE A 288 -7.14 -25.52 3.97
CA ILE A 288 -7.11 -25.52 5.43
C ILE A 288 -7.08 -24.12 6.00
N CYS A 289 -6.82 -23.11 5.17
CA CYS A 289 -6.76 -21.73 5.62
C CYS A 289 -8.15 -21.12 5.67
N GLY A 290 -8.43 -20.39 6.75
CA GLY A 290 -9.76 -19.88 6.98
C GLY A 290 -10.11 -18.72 6.05
N ILE A 291 -11.39 -18.35 6.11
CA ILE A 291 -11.98 -17.34 5.24
C ILE A 291 -11.95 -16.00 5.94
N THR A 292 -11.61 -14.94 5.20
CA THR A 292 -11.60 -13.58 5.73
C THR A 292 -12.53 -12.63 5.00
N SER A 293 -13.12 -13.05 3.88
CA SER A 293 -14.00 -12.17 3.11
C SER A 293 -14.94 -13.01 2.26
N VAL A 294 -16.22 -12.64 2.27
CA VAL A 294 -17.26 -13.34 1.51
C VAL A 294 -18.09 -12.29 0.78
N SER A 295 -18.35 -12.53 -0.51
CA SER A 295 -19.29 -11.71 -1.26
C SER A 295 -19.92 -12.55 -2.36
N PHE A 296 -21.10 -12.13 -2.80
CA PHE A 296 -21.91 -12.86 -3.76
C PHE A 296 -21.83 -12.22 -5.14
N SER A 297 -22.60 -12.78 -6.06
CA SER A 297 -22.98 -12.12 -7.31
C SER A 297 -24.42 -11.67 -7.19
N LYS A 298 -24.87 -10.87 -8.17
CA LYS A 298 -26.22 -10.32 -8.12
C LYS A 298 -27.27 -11.40 -8.27
N SER A 299 -27.06 -12.36 -9.17
CA SER A 299 -28.01 -13.42 -9.42
C SER A 299 -27.67 -14.69 -8.63
N GLY A 300 -26.76 -14.61 -7.69
CA GLY A 300 -26.25 -15.84 -7.09
C GLY A 300 -25.38 -16.56 -8.11
N ARG A 301 -25.47 -17.90 -8.09
CA ARG A 301 -24.76 -18.79 -9.01
C ARG A 301 -23.24 -18.63 -8.92
N LEU A 302 -22.78 -18.14 -7.77
CA LEU A 302 -21.40 -17.73 -7.56
C LEU A 302 -21.23 -17.40 -6.08
N LEU A 303 -20.03 -17.64 -5.57
CA LEU A 303 -19.68 -17.15 -4.24
C LEU A 303 -18.19 -16.83 -4.24
N LEU A 304 -17.86 -15.54 -4.21
CA LEU A 304 -16.49 -15.13 -3.99
C LEU A 304 -16.09 -15.41 -2.55
N ALA A 305 -14.84 -15.84 -2.36
CA ALA A 305 -14.35 -16.17 -1.03
C ALA A 305 -12.84 -15.95 -0.97
N GLY A 306 -12.39 -15.14 -0.02
CA GLY A 306 -10.98 -14.89 0.20
C GLY A 306 -10.48 -15.68 1.38
N TYR A 307 -9.30 -16.28 1.23
CA TYR A 307 -8.76 -17.22 2.20
C TYR A 307 -7.49 -16.66 2.85
N ASP A 308 -7.05 -17.34 3.91
CA ASP A 308 -5.78 -16.94 4.53
C ASP A 308 -4.60 -17.33 3.67
N ASP A 309 -4.74 -18.34 2.82
CA ASP A 309 -3.77 -18.55 1.76
C ASP A 309 -3.85 -17.39 0.77
N PHE A 310 -2.72 -17.10 0.13
CA PHE A 310 -2.53 -15.84 -0.58
C PHE A 310 -3.39 -15.70 -1.82
N ASN A 311 -4.01 -16.77 -2.31
CA ASN A 311 -4.93 -16.69 -3.42
C ASN A 311 -6.36 -16.54 -2.94
N CYS A 312 -7.19 -15.90 -3.77
CA CYS A 312 -8.63 -15.89 -3.54
C CYS A 312 -9.25 -17.14 -4.15
N ASN A 313 -10.56 -17.27 -4.03
CA ASN A 313 -11.24 -18.45 -4.56
C ASN A 313 -12.65 -18.09 -4.98
N VAL A 314 -13.18 -18.83 -5.94
CA VAL A 314 -14.52 -18.66 -6.45
C VAL A 314 -15.27 -19.98 -6.30
N TRP A 315 -16.44 -19.94 -5.68
CA TRP A 315 -17.27 -21.12 -5.47
C TRP A 315 -18.61 -20.97 -6.16
N ASP A 316 -19.07 -22.06 -6.78
CA ASP A 316 -20.45 -22.13 -7.22
C ASP A 316 -21.36 -22.13 -6.00
N ALA A 317 -22.34 -21.22 -6.00
CA ALA A 317 -23.22 -21.08 -4.85
C ALA A 317 -24.26 -22.20 -4.75
N LEU A 318 -24.39 -23.03 -5.78
CA LEU A 318 -25.45 -24.02 -5.84
C LEU A 318 -24.95 -25.46 -5.81
N LYS A 319 -23.74 -25.72 -6.29
CA LYS A 319 -23.22 -27.08 -6.37
C LYS A 319 -21.92 -27.30 -5.59
N ALA A 320 -21.37 -26.24 -4.97
CA ALA A 320 -20.18 -26.31 -4.10
C ALA A 320 -18.96 -26.86 -4.84
N ASP A 321 -18.74 -26.38 -6.06
CA ASP A 321 -17.63 -26.84 -6.89
C ASP A 321 -16.53 -25.80 -6.95
N ARG A 322 -15.33 -26.26 -7.33
CA ARG A 322 -14.18 -25.38 -7.55
C ARG A 322 -14.35 -24.73 -8.93
N ALA A 323 -15.17 -23.68 -8.96
CA ALA A 323 -15.51 -23.05 -10.23
C ALA A 323 -14.35 -22.24 -10.79
N GLY A 324 -13.89 -21.23 -10.03
CA GLY A 324 -12.80 -20.40 -10.46
C GLY A 324 -11.76 -20.25 -9.36
N VAL A 325 -10.55 -19.92 -9.79
CA VAL A 325 -9.43 -19.67 -8.89
C VAL A 325 -8.84 -18.31 -9.21
N LEU A 326 -8.62 -17.50 -8.17
CA LEU A 326 -8.07 -16.15 -8.32
C LEU A 326 -6.75 -16.11 -7.54
N ALA A 327 -5.63 -16.09 -8.24
CA ALA A 327 -4.33 -16.17 -7.60
C ALA A 327 -3.46 -14.96 -7.91
N GLY A 328 -4.03 -13.76 -7.81
CA GLY A 328 -3.30 -12.54 -8.12
C GLY A 328 -2.36 -12.07 -7.04
N HIS A 329 -2.84 -12.04 -5.79
CA HIS A 329 -2.07 -11.49 -4.69
C HIS A 329 -1.03 -12.48 -4.19
N ASP A 330 0.02 -11.94 -3.57
CA ASP A 330 1.06 -12.75 -2.96
C ASP A 330 0.96 -12.81 -1.44
N ASN A 331 0.15 -11.94 -0.83
CA ASN A 331 -0.11 -11.96 0.60
C ASN A 331 -1.54 -12.37 0.87
N ARG A 332 -1.86 -12.53 2.16
CA ARG A 332 -3.20 -12.97 2.56
C ARG A 332 -4.24 -11.92 2.24
N VAL A 333 -5.28 -12.33 1.51
CA VAL A 333 -6.37 -11.42 1.17
C VAL A 333 -7.21 -11.13 2.39
N SER A 334 -7.41 -9.85 2.68
CA SER A 334 -8.18 -9.39 3.84
C SER A 334 -9.57 -8.93 3.47
N CYS A 335 -9.70 -8.12 2.41
CA CYS A 335 -10.98 -7.55 2.04
C CYS A 335 -11.34 -7.90 0.61
N LEU A 336 -12.64 -7.90 0.34
CA LEU A 336 -13.17 -8.27 -0.96
C LEU A 336 -14.58 -7.70 -1.09
N GLY A 337 -14.98 -7.39 -2.32
CA GLY A 337 -16.31 -6.87 -2.56
C GLY A 337 -16.61 -6.84 -4.04
N VAL A 338 -17.90 -6.73 -4.35
CA VAL A 338 -18.39 -6.76 -5.71
C VAL A 338 -19.27 -5.53 -5.95
N THR A 339 -19.34 -5.10 -7.20
CA THR A 339 -20.19 -3.99 -7.59
C THR A 339 -21.64 -4.42 -7.63
N ASP A 340 -22.54 -3.44 -7.46
CA ASP A 340 -23.96 -3.74 -7.49
C ASP A 340 -24.45 -4.02 -8.91
N ASP A 341 -23.81 -3.43 -9.92
CA ASP A 341 -24.11 -3.82 -11.30
C ASP A 341 -23.34 -5.05 -11.74
N GLY A 342 -22.44 -5.57 -10.91
CA GLY A 342 -21.73 -6.79 -11.21
C GLY A 342 -20.54 -6.64 -12.13
N MET A 343 -20.16 -5.40 -12.47
CA MET A 343 -19.17 -5.16 -13.53
C MET A 343 -17.80 -5.70 -13.15
N ALA A 344 -17.43 -5.63 -11.87
CA ALA A 344 -16.15 -6.15 -11.41
C ALA A 344 -16.24 -6.58 -9.96
N VAL A 345 -15.25 -7.36 -9.54
CA VAL A 345 -15.06 -7.73 -8.14
C VAL A 345 -13.75 -7.10 -7.68
N ALA A 346 -13.75 -6.59 -6.46
CA ALA A 346 -12.56 -5.97 -5.88
C ALA A 346 -11.98 -6.85 -4.80
N THR A 347 -10.68 -6.70 -4.58
CA THR A 347 -9.94 -7.57 -3.67
C THR A 347 -8.71 -6.84 -3.17
N GLY A 348 -8.56 -6.77 -1.86
CA GLY A 348 -7.37 -6.19 -1.26
C GLY A 348 -6.73 -7.15 -0.28
N SER A 349 -5.43 -6.93 -0.04
CA SER A 349 -4.66 -7.82 0.79
C SER A 349 -3.63 -7.01 1.57
N TRP A 350 -2.86 -7.73 2.40
CA TRP A 350 -1.84 -7.09 3.23
C TRP A 350 -0.59 -6.70 2.45
N ASP A 351 -0.52 -7.01 1.16
CA ASP A 351 0.58 -6.67 0.25
C ASP A 351 0.53 -5.25 -0.26
N SER A 352 -0.41 -4.47 0.30
CA SER A 352 -0.62 -3.06 0.03
C SER A 352 -1.14 -2.80 -1.37
N PHE A 353 -1.76 -3.79 -2.00
CA PHE A 353 -2.22 -3.69 -3.38
C PHE A 353 -3.72 -3.92 -3.45
N LEU A 354 -4.38 -3.18 -4.35
CA LEU A 354 -5.75 -3.45 -4.75
C LEU A 354 -5.75 -3.79 -6.23
N LYS A 355 -6.35 -4.93 -6.57
CA LYS A 355 -6.51 -5.30 -7.96
C LYS A 355 -7.92 -5.82 -8.17
N ILE A 356 -8.49 -5.51 -9.33
CA ILE A 356 -9.87 -5.86 -9.64
C ILE A 356 -9.88 -6.70 -10.91
N TRP A 357 -10.67 -7.77 -10.90
CA TRP A 357 -10.78 -8.67 -12.03
C TRP A 357 -12.12 -8.46 -12.74
N ASN A 358 -12.30 -9.14 -13.86
CA ASN A 358 -13.56 -9.12 -14.61
C ASN A 358 -13.67 -10.34 -15.52
N SER B 4 -24.54 -15.45 38.55
CA SER B 4 -25.09 -15.95 37.30
C SER B 4 -26.58 -16.22 37.44
N ILE B 5 -27.22 -15.61 38.44
CA ILE B 5 -28.64 -15.81 38.64
C ILE B 5 -29.46 -14.91 37.71
N ALA B 6 -28.93 -13.73 37.37
CA ALA B 6 -29.69 -12.77 36.58
C ALA B 6 -29.75 -13.16 35.11
N GLN B 7 -28.73 -13.85 34.60
CA GLN B 7 -28.69 -14.19 33.17
C GLN B 7 -29.69 -15.29 32.82
N ALA B 8 -30.16 -16.05 33.82
CA ALA B 8 -30.96 -17.25 33.54
C ALA B 8 -32.32 -16.89 32.94
N ARG B 9 -32.88 -15.75 33.33
CA ARG B 9 -34.17 -15.34 32.79
C ARG B 9 -34.05 -14.93 31.33
N LYS B 10 -33.26 -13.89 31.05
CA LYS B 10 -33.18 -13.31 29.71
C LYS B 10 -32.55 -14.24 28.69
N LEU B 11 -31.80 -15.25 29.13
CA LEU B 11 -31.35 -16.30 28.22
C LEU B 11 -32.52 -17.15 27.74
N VAL B 12 -33.45 -17.49 28.63
CA VAL B 12 -34.55 -18.37 28.26
C VAL B 12 -35.78 -17.60 27.73
N GLU B 13 -35.83 -16.28 27.94
CA GLU B 13 -36.83 -15.49 27.22
C GLU B 13 -36.53 -15.45 25.72
N GLN B 14 -35.25 -15.59 25.36
CA GLN B 14 -34.89 -15.69 23.95
C GLN B 14 -35.43 -16.97 23.33
N LEU B 15 -35.39 -18.06 24.09
CA LEU B 15 -35.82 -19.39 23.58
C LEU B 15 -37.34 -19.45 23.36
N LYS B 16 -38.13 -18.89 24.28
CA LYS B 16 -39.58 -18.92 24.13
C LYS B 16 -40.04 -17.87 23.13
N MET B 17 -39.27 -16.80 22.92
CA MET B 17 -39.53 -15.89 21.82
C MET B 17 -39.19 -16.53 20.48
N GLU B 18 -38.27 -17.50 20.47
CA GLU B 18 -37.95 -18.27 19.29
C GLU B 18 -38.96 -19.40 19.04
N ALA B 19 -39.85 -19.68 20.00
CA ALA B 19 -40.84 -20.73 19.80
C ALA B 19 -41.85 -20.35 18.72
N ASN B 20 -42.24 -19.08 18.68
CA ASN B 20 -43.17 -18.58 17.66
C ASN B 20 -42.41 -18.19 16.38
N ILE B 21 -41.83 -19.21 15.76
CA ILE B 21 -40.97 -19.03 14.59
C ILE B 21 -41.75 -19.44 13.34
N ASP B 22 -41.53 -18.71 12.25
CA ASP B 22 -42.13 -19.08 10.98
C ASP B 22 -41.52 -20.39 10.47
N ARG B 23 -42.34 -21.20 9.81
CA ARG B 23 -41.89 -22.47 9.30
C ARG B 23 -42.39 -22.69 7.88
N ILE B 24 -41.47 -23.01 6.98
CA ILE B 24 -41.77 -23.38 5.60
C ILE B 24 -40.97 -24.63 5.27
N LYS B 25 -41.06 -25.05 4.00
CA LYS B 25 -40.31 -26.21 3.52
C LYS B 25 -39.00 -25.74 2.92
N VAL B 26 -37.90 -26.37 3.33
CA VAL B 26 -36.57 -25.96 2.89
C VAL B 26 -36.35 -26.30 1.42
N SER B 27 -36.96 -27.39 0.93
CA SER B 27 -36.82 -27.76 -0.46
C SER B 27 -37.47 -26.75 -1.39
N LYS B 28 -38.66 -26.25 -1.02
CA LYS B 28 -39.25 -25.16 -1.77
C LYS B 28 -38.62 -23.82 -1.42
N ALA B 29 -37.96 -23.71 -0.27
CA ALA B 29 -37.12 -22.55 0.00
C ALA B 29 -35.87 -22.58 -0.86
N ALA B 30 -35.34 -23.77 -1.12
CA ALA B 30 -34.24 -23.94 -2.05
C ALA B 30 -34.67 -23.70 -3.49
N ALA B 31 -35.97 -23.81 -3.78
CA ALA B 31 -36.47 -23.42 -5.09
C ALA B 31 -36.35 -21.92 -5.31
N ASP B 32 -36.61 -21.13 -4.26
CA ASP B 32 -36.42 -19.67 -4.36
C ASP B 32 -34.94 -19.32 -4.52
N LEU B 33 -34.05 -20.17 -4.02
CA LEU B 33 -32.62 -20.01 -4.30
C LEU B 33 -32.34 -20.20 -5.78
N MET B 34 -32.97 -21.21 -6.39
CA MET B 34 -32.73 -21.50 -7.82
C MET B 34 -33.50 -20.51 -8.70
N ALA B 35 -34.74 -20.17 -8.33
CA ALA B 35 -35.58 -19.34 -9.18
C ALA B 35 -35.08 -17.90 -9.26
N TYR B 36 -34.29 -17.46 -8.28
CA TYR B 36 -33.63 -16.15 -8.37
C TYR B 36 -32.45 -16.18 -9.32
N CYS B 37 -31.89 -17.36 -9.58
CA CYS B 37 -30.65 -17.43 -10.37
C CYS B 37 -30.92 -17.22 -11.86
N GLU B 38 -31.72 -18.10 -12.46
CA GLU B 38 -31.96 -18.04 -13.90
C GLU B 38 -32.81 -16.83 -14.29
N ALA B 39 -33.52 -16.22 -13.35
CA ALA B 39 -34.26 -15.00 -13.64
C ALA B 39 -33.31 -13.84 -13.93
N HIS B 40 -32.20 -13.76 -13.20
CA HIS B 40 -31.26 -12.65 -13.32
C HIS B 40 -29.91 -13.07 -13.88
N ALA B 41 -29.78 -14.31 -14.37
CA ALA B 41 -28.53 -14.75 -14.99
C ALA B 41 -28.31 -14.13 -16.36
N LYS B 42 -29.35 -13.57 -16.98
CA LYS B 42 -29.21 -12.95 -18.29
C LYS B 42 -28.35 -11.69 -18.22
N GLU B 43 -28.47 -10.93 -17.14
CA GLU B 43 -27.70 -9.70 -16.95
C GLU B 43 -26.56 -9.87 -15.97
N ASP B 44 -26.25 -11.09 -15.57
CA ASP B 44 -25.09 -11.33 -14.70
C ASP B 44 -23.83 -11.38 -15.55
N PRO B 45 -22.87 -10.48 -15.35
CA PRO B 45 -21.67 -10.44 -16.18
C PRO B 45 -20.47 -11.22 -15.64
N LEU B 46 -20.66 -12.09 -14.65
CA LEU B 46 -19.56 -12.92 -14.16
C LEU B 46 -19.51 -14.26 -14.88
N LEU B 47 -20.59 -15.04 -14.76
CA LEU B 47 -20.66 -16.31 -15.46
C LEU B 47 -20.97 -16.14 -16.95
N THR B 48 -21.57 -15.01 -17.34
CA THR B 48 -21.79 -14.66 -18.74
C THR B 48 -21.16 -13.29 -18.96
N PRO B 49 -19.85 -13.23 -19.18
CA PRO B 49 -19.17 -11.93 -19.31
C PRO B 49 -19.58 -11.22 -20.59
N VAL B 50 -19.80 -9.91 -20.47
CA VAL B 50 -20.18 -9.06 -21.60
C VAL B 50 -18.95 -8.88 -22.50
N PRO B 51 -19.14 -8.62 -23.80
CA PRO B 51 -17.99 -8.34 -24.67
C PRO B 51 -17.30 -7.02 -24.31
N ALA B 52 -16.15 -6.80 -24.97
CA ALA B 52 -15.28 -5.69 -24.62
C ALA B 52 -15.89 -4.33 -24.96
N SER B 53 -16.83 -4.29 -25.90
CA SER B 53 -17.50 -3.04 -26.22
C SER B 53 -18.43 -2.61 -25.07
N GLU B 54 -19.17 -3.56 -24.49
CA GLU B 54 -19.99 -3.26 -23.33
C GLU B 54 -19.18 -3.21 -22.04
N ASN B 55 -17.98 -3.78 -22.04
CA ASN B 55 -17.14 -3.79 -20.86
C ASN B 55 -16.49 -2.43 -20.67
N PRO B 56 -16.72 -1.75 -19.54
CA PRO B 56 -16.01 -0.49 -19.28
C PRO B 56 -14.65 -0.66 -18.61
N PHE B 57 -14.21 -1.90 -18.39
CA PHE B 57 -12.95 -2.19 -17.73
C PHE B 57 -11.87 -2.59 -18.71
N ARG B 58 -11.96 -2.13 -19.95
CA ARG B 58 -10.90 -2.35 -20.92
C ARG B 58 -10.23 -1.02 -21.28
N ASP C 1 -19.06 32.15 4.67
CA ASP C 1 -18.54 30.81 4.40
C ASP C 1 -17.15 30.90 3.76
N VAL C 2 -17.11 31.35 2.51
CA VAL C 2 -15.87 31.59 1.79
C VAL C 2 -15.87 33.04 1.32
N GLN C 3 -14.66 33.53 1.00
CA GLN C 3 -14.49 34.91 0.59
C GLN C 3 -13.50 34.98 -0.57
N LEU C 4 -13.93 35.55 -1.69
CA LEU C 4 -13.08 35.80 -2.83
C LEU C 4 -13.14 37.30 -3.11
N VAL C 5 -12.16 38.05 -2.60
CA VAL C 5 -12.10 39.49 -2.77
C VAL C 5 -10.90 39.83 -3.62
N GLU C 6 -11.08 40.78 -4.54
CA GLU C 6 -10.07 41.18 -5.50
C GLU C 6 -9.53 42.56 -5.15
N SER C 7 -8.27 42.81 -5.53
CA SER C 7 -7.57 44.01 -5.14
C SER C 7 -6.91 44.66 -6.34
N GLY C 8 -6.80 45.98 -6.29
CA GLY C 8 -6.05 46.74 -7.28
C GLY C 8 -6.62 46.78 -8.68
N GLY C 9 -7.92 47.06 -8.80
CA GLY C 9 -8.51 47.27 -10.10
C GLY C 9 -8.82 48.73 -10.36
N GLY C 10 -7.99 49.40 -11.16
CA GLY C 10 -8.16 50.80 -11.40
C GLY C 10 -7.61 51.25 -12.74
N LEU C 11 -7.29 52.54 -12.81
CA LEU C 11 -6.80 53.12 -14.06
C LEU C 11 -5.34 52.77 -14.28
N VAL C 12 -5.03 52.30 -15.49
CA VAL C 12 -3.68 51.94 -15.89
C VAL C 12 -3.39 52.65 -17.21
N GLN C 13 -2.19 53.20 -17.36
CA GLN C 13 -1.78 53.78 -18.63
C GLN C 13 -1.71 52.69 -19.69
N PRO C 14 -2.05 52.99 -20.94
CA PRO C 14 -2.08 51.94 -21.98
C PRO C 14 -0.69 51.39 -22.30
N GLY C 15 -0.62 50.07 -22.39
CA GLY C 15 0.64 49.38 -22.59
C GLY C 15 1.47 49.18 -21.35
N GLY C 16 0.98 49.60 -20.18
CA GLY C 16 1.75 49.50 -18.96
C GLY C 16 1.65 48.16 -18.26
N SER C 17 1.61 48.17 -16.94
CA SER C 17 1.55 46.93 -16.18
C SER C 17 0.81 47.18 -14.86
N ARG C 18 0.22 46.11 -14.33
CA ARG C 18 -0.54 46.19 -13.10
C ARG C 18 -0.57 44.83 -12.43
N LYS C 19 -0.25 44.81 -11.13
CA LYS C 19 -0.36 43.59 -10.35
C LYS C 19 -1.80 43.38 -9.90
N LEU C 20 -2.32 42.18 -10.15
CA LEU C 20 -3.68 41.82 -9.75
C LEU C 20 -3.62 40.64 -8.80
N SER C 21 -4.33 40.74 -7.68
CA SER C 21 -4.33 39.71 -6.66
C SER C 21 -5.75 39.38 -6.24
N CYS C 22 -5.99 38.08 -6.00
CA CYS C 22 -7.27 37.59 -5.50
C CYS C 22 -7.05 37.01 -4.11
N SER C 23 -7.57 37.69 -3.10
CA SER C 23 -7.43 37.23 -1.73
C SER C 23 -8.49 36.18 -1.42
N ALA C 24 -8.04 35.00 -1.01
CA ALA C 24 -8.91 33.86 -0.74
C ALA C 24 -8.91 33.54 0.74
N SER C 25 -10.05 33.10 1.25
CA SER C 25 -10.16 32.73 2.65
C SER C 25 -11.32 31.76 2.82
N GLY C 26 -11.14 30.82 3.75
CA GLY C 26 -12.20 29.93 4.15
C GLY C 26 -12.38 28.68 3.30
N PHE C 27 -11.35 28.23 2.59
CA PHE C 27 -11.39 26.95 1.90
C PHE C 27 -9.97 26.48 1.66
N ALA C 28 -9.84 25.20 1.28
CA ALA C 28 -8.56 24.58 0.99
C ALA C 28 -8.08 25.03 -0.40
N PHE C 29 -7.60 26.27 -0.44
CA PHE C 29 -7.13 26.88 -1.68
C PHE C 29 -5.87 26.19 -2.20
N SER C 30 -5.10 25.56 -1.30
CA SER C 30 -3.96 24.74 -1.72
C SER C 30 -4.42 23.52 -2.53
N SER C 31 -5.62 23.03 -2.27
CA SER C 31 -6.20 21.93 -3.04
C SER C 31 -7.10 22.39 -4.18
N PHE C 32 -7.57 23.63 -4.15
CA PHE C 32 -8.49 24.15 -5.17
C PHE C 32 -7.73 24.69 -6.37
N GLY C 33 -8.21 24.37 -7.56
CA GLY C 33 -7.73 25.04 -8.76
C GLY C 33 -8.40 26.39 -8.94
N MET C 34 -7.68 27.30 -9.59
CA MET C 34 -8.10 28.68 -9.70
C MET C 34 -8.11 29.11 -11.17
N HIS C 35 -9.09 29.94 -11.53
CA HIS C 35 -9.22 30.47 -12.88
C HIS C 35 -9.28 31.99 -12.83
N TRP C 36 -9.29 32.59 -14.02
CA TRP C 36 -9.58 34.00 -14.19
C TRP C 36 -10.46 34.16 -15.42
N VAL C 37 -11.53 34.96 -15.30
CA VAL C 37 -12.52 35.11 -16.34
C VAL C 37 -12.73 36.60 -16.61
N ARG C 38 -12.62 36.98 -17.88
CA ARG C 38 -12.80 38.36 -18.30
C ARG C 38 -14.28 38.65 -18.54
N GLN C 39 -14.76 39.76 -17.98
CA GLN C 39 -16.05 40.32 -18.33
C GLN C 39 -15.81 41.68 -18.98
N ALA C 40 -16.28 41.85 -20.21
CA ALA C 40 -16.20 43.13 -20.87
C ALA C 40 -17.11 44.14 -20.15
N PRO C 41 -16.73 45.42 -20.14
CA PRO C 41 -17.54 46.42 -19.41
C PRO C 41 -18.95 46.60 -19.96
N GLU C 42 -19.18 46.31 -21.24
CA GLU C 42 -20.52 46.39 -21.80
C GLU C 42 -21.18 45.02 -21.96
N LYS C 43 -20.50 44.08 -22.61
CA LYS C 43 -21.07 42.79 -22.97
C LYS C 43 -19.97 41.86 -23.43
N GLY C 44 -19.99 40.62 -22.94
CA GLY C 44 -19.01 39.63 -23.34
C GLY C 44 -18.19 39.07 -22.20
N LEU C 45 -18.48 37.82 -21.85
CA LEU C 45 -17.75 37.07 -20.83
C LEU C 45 -16.84 36.08 -21.53
N GLU C 46 -15.58 36.01 -21.10
CA GLU C 46 -14.61 35.09 -21.71
C GLU C 46 -13.50 34.79 -20.72
N TRP C 47 -12.72 33.75 -21.04
CA TRP C 47 -11.72 33.19 -20.14
C TRP C 47 -10.38 33.91 -20.27
N VAL C 48 -9.63 33.96 -19.17
CA VAL C 48 -8.31 34.58 -19.17
C VAL C 48 -7.21 33.53 -18.99
N ALA C 49 -7.20 32.86 -17.83
CA ALA C 49 -6.06 32.05 -17.48
C ALA C 49 -6.47 30.91 -16.56
N TYR C 50 -5.62 29.89 -16.50
CA TYR C 50 -5.80 28.72 -15.65
C TYR C 50 -4.50 28.49 -14.88
N ILE C 51 -4.63 28.12 -13.60
CA ILE C 51 -3.49 27.70 -12.81
C ILE C 51 -3.85 26.37 -12.13
N SER C 52 -2.87 25.49 -12.06
CA SER C 52 -2.99 24.13 -11.55
C SER C 52 -3.29 24.12 -10.05
N SER C 53 -3.62 22.93 -9.54
CA SER C 53 -3.69 22.74 -8.09
C SER C 53 -2.30 22.82 -7.48
N GLY C 54 -1.31 22.21 -8.13
CA GLY C 54 0.06 22.25 -7.70
C GLY C 54 0.95 23.22 -8.45
N SER C 55 0.36 24.16 -9.21
CA SER C 55 1.08 25.17 -10.01
C SER C 55 2.04 24.51 -11.02
N GLY C 56 1.59 23.41 -11.62
CA GLY C 56 2.36 22.71 -12.63
C GLY C 56 1.92 22.98 -14.06
N THR C 57 0.60 23.03 -14.29
CA THR C 57 0.03 23.22 -15.62
C THR C 57 -0.61 24.60 -15.69
N ILE C 58 -0.13 25.43 -16.61
CA ILE C 58 -0.62 26.79 -16.81
C ILE C 58 -1.09 26.93 -18.26
N TYR C 59 -2.24 27.57 -18.45
CA TYR C 59 -2.80 27.79 -19.78
C TYR C 59 -3.23 29.25 -19.92
N TYR C 60 -3.21 29.74 -21.16
CA TYR C 60 -3.60 31.11 -21.47
C TYR C 60 -4.45 31.10 -22.74
N ALA C 61 -4.89 32.30 -23.14
CA ALA C 61 -5.71 32.49 -24.33
C ALA C 61 -4.87 33.12 -25.44
N ASP C 62 -5.55 33.48 -26.54
CA ASP C 62 -4.86 33.99 -27.72
C ASP C 62 -4.26 35.36 -27.48
N THR C 63 -5.04 36.29 -26.92
CA THR C 63 -4.56 37.63 -26.61
C THR C 63 -3.95 37.72 -25.22
N VAL C 64 -3.82 36.60 -24.52
CA VAL C 64 -3.44 36.56 -23.11
C VAL C 64 -2.02 36.01 -23.01
N LYS C 65 -1.65 35.15 -23.97
CA LYS C 65 -0.41 34.38 -23.89
C LYS C 65 0.84 35.28 -23.93
N GLY C 66 1.76 35.01 -23.01
CA GLY C 66 3.03 35.71 -22.95
C GLY C 66 2.98 36.99 -22.13
N ARG C 67 2.08 37.90 -22.52
CA ARG C 67 1.97 39.20 -21.86
C ARG C 67 1.15 39.16 -20.58
N PHE C 68 0.58 38.01 -20.23
CA PHE C 68 -0.05 37.79 -18.93
C PHE C 68 0.69 36.66 -18.23
N THR C 69 0.76 36.74 -16.90
CA THR C 69 1.25 35.63 -16.11
C THR C 69 0.41 35.51 -14.85
N ILE C 70 0.31 34.28 -14.35
CA ILE C 70 -0.51 33.97 -13.18
C ILE C 70 0.28 33.06 -12.25
N SER C 71 0.28 33.40 -10.96
CA SER C 71 1.03 32.65 -9.96
C SER C 71 0.15 32.49 -8.73
N ARG C 72 0.70 31.80 -7.73
CA ARG C 72 -0.04 31.54 -6.50
C ARG C 72 0.95 31.33 -5.37
N ASP C 73 0.44 31.40 -4.13
CA ASP C 73 1.25 31.11 -2.95
C ASP C 73 0.32 30.59 -1.87
N ASP C 74 0.40 29.28 -1.61
CA ASP C 74 -0.45 28.64 -0.61
C ASP C 74 -0.29 29.11 0.84
N PRO C 75 0.93 29.31 1.42
CA PRO C 75 0.99 29.60 2.87
C PRO C 75 0.28 30.87 3.34
N LYS C 76 0.28 31.95 2.54
CA LYS C 76 -0.50 33.12 2.92
C LYS C 76 -1.89 33.12 2.30
N ASN C 77 -2.23 32.08 1.53
CA ASN C 77 -3.60 31.78 1.09
C ASN C 77 -4.19 32.90 0.23
N THR C 78 -3.53 33.15 -0.90
CA THR C 78 -4.00 34.16 -1.84
C THR C 78 -3.58 33.80 -3.25
N LEU C 79 -4.27 34.41 -4.22
CA LEU C 79 -4.02 34.19 -5.63
C LEU C 79 -3.40 35.44 -6.25
N PHE C 80 -2.48 35.24 -7.18
CA PHE C 80 -1.75 36.33 -7.81
C PHE C 80 -1.91 36.28 -9.33
N LEU C 81 -1.78 37.44 -9.96
CA LEU C 81 -1.75 37.54 -11.42
C LEU C 81 -1.06 38.84 -11.80
N GLN C 82 0.16 38.75 -12.30
CA GLN C 82 0.86 39.92 -12.82
C GLN C 82 0.47 40.14 -14.27
N MET C 83 0.13 41.38 -14.62
CA MET C 83 -0.54 41.68 -15.87
C MET C 83 0.18 42.84 -16.57
N THR C 84 0.48 42.66 -17.86
CA THR C 84 1.31 43.61 -18.61
C THR C 84 0.63 43.98 -19.91
N SER C 85 1.03 45.15 -20.44
CA SER C 85 0.74 45.64 -21.81
C SER C 85 -0.76 45.73 -22.07
N LEU C 86 -1.39 46.67 -21.36
CA LEU C 86 -2.84 46.78 -21.33
C LEU C 86 -3.34 47.78 -22.38
N ARG C 87 -4.53 47.48 -22.90
CA ARG C 87 -5.18 48.35 -23.86
C ARG C 87 -6.70 48.22 -23.73
N SER C 88 -7.43 48.64 -24.76
CA SER C 88 -8.89 48.68 -24.71
C SER C 88 -9.49 47.28 -24.62
N GLU C 89 -8.85 46.30 -25.27
CA GLU C 89 -9.28 44.91 -25.10
C GLU C 89 -9.00 44.42 -23.68
N ASP C 90 -7.94 44.93 -23.05
CA ASP C 90 -7.63 44.57 -21.68
C ASP C 90 -8.56 45.24 -20.68
N THR C 91 -9.23 46.32 -21.06
CA THR C 91 -10.27 46.91 -20.21
C THR C 91 -11.40 45.93 -19.97
N ALA C 92 -11.50 45.40 -18.75
CA ALA C 92 -12.46 44.34 -18.48
C ALA C 92 -12.73 44.26 -16.98
N MET C 93 -13.81 43.56 -16.65
CA MET C 93 -14.25 43.33 -15.27
C MET C 93 -13.85 41.91 -14.90
N TYR C 94 -12.57 41.74 -14.57
CA TYR C 94 -12.00 40.40 -14.38
C TYR C 94 -12.51 39.76 -13.10
N TYR C 95 -12.94 38.50 -13.20
CA TYR C 95 -13.59 37.80 -12.11
C TYR C 95 -12.69 36.67 -11.60
N CYS C 96 -12.76 36.44 -10.29
CA CYS C 96 -11.97 35.39 -9.65
C CYS C 96 -12.81 34.13 -9.50
N VAL C 97 -12.32 33.02 -10.05
CA VAL C 97 -13.07 31.77 -10.13
C VAL C 97 -12.25 30.66 -9.48
N ARG C 98 -12.89 29.86 -8.63
CA ARG C 98 -12.33 28.61 -8.17
C ARG C 98 -12.98 27.45 -8.93
N SER C 99 -12.24 26.37 -9.07
CA SER C 99 -12.74 25.18 -9.78
C SER C 99 -11.95 23.97 -9.32
N ILE C 100 -12.65 22.98 -8.76
CA ILE C 100 -12.02 21.74 -8.33
C ILE C 100 -12.32 20.66 -9.36
N TYR C 101 -11.37 19.74 -9.54
CA TYR C 101 -11.40 18.80 -10.65
C TYR C 101 -11.21 17.37 -10.14
N TYR C 102 -12.32 16.64 -10.06
CA TYR C 102 -12.29 15.19 -9.85
C TYR C 102 -13.61 14.62 -10.34
N TYR C 103 -13.82 13.33 -10.10
CA TYR C 103 -15.06 12.68 -10.52
C TYR C 103 -16.22 13.16 -9.65
N GLY C 104 -17.24 13.72 -10.28
CA GLY C 104 -18.37 14.28 -9.54
C GLY C 104 -18.15 15.66 -9.00
N SER C 105 -16.97 16.23 -9.19
CA SER C 105 -16.71 17.59 -8.74
C SER C 105 -17.46 18.59 -9.59
N SER C 106 -17.78 19.74 -9.00
CA SER C 106 -18.46 20.83 -9.69
C SER C 106 -17.48 21.98 -9.84
N PRO C 107 -16.81 22.10 -10.99
CA PRO C 107 -15.95 23.26 -11.21
C PRO C 107 -16.77 24.52 -11.42
N PHE C 108 -16.09 25.67 -11.28
CA PHE C 108 -16.66 27.01 -11.44
C PHE C 108 -17.82 27.25 -10.48
N ASP C 109 -17.76 26.65 -9.28
CA ASP C 109 -18.91 26.68 -8.37
C ASP C 109 -19.07 28.03 -7.68
N PHE C 110 -17.98 28.72 -7.37
CA PHE C 110 -18.05 30.01 -6.70
C PHE C 110 -17.19 31.03 -7.44
N TRP C 111 -17.64 32.29 -7.41
CA TRP C 111 -17.02 33.36 -8.17
C TRP C 111 -16.67 34.52 -7.25
N GLY C 112 -15.69 35.30 -7.67
CA GLY C 112 -15.28 36.49 -6.95
C GLY C 112 -16.15 37.69 -7.32
N GLN C 113 -15.75 38.85 -6.80
CA GLN C 113 -16.53 40.07 -6.98
C GLN C 113 -16.11 40.87 -8.21
N GLY C 114 -14.81 41.05 -8.45
CA GLY C 114 -14.35 41.62 -9.69
C GLY C 114 -13.34 42.73 -9.49
N THR C 115 -12.76 43.15 -10.61
CA THR C 115 -11.82 44.26 -10.68
C THR C 115 -12.32 45.28 -11.69
N THR C 116 -12.36 46.56 -11.30
CA THR C 116 -12.77 47.63 -12.21
C THR C 116 -11.53 48.14 -12.95
N LEU C 117 -11.14 47.39 -13.97
CA LEU C 117 -9.91 47.66 -14.71
C LEU C 117 -10.25 48.33 -16.03
N THR C 118 -9.92 49.62 -16.14
CA THR C 118 -10.02 50.38 -17.38
C THR C 118 -8.68 51.06 -17.64
N VAL C 119 -8.37 51.26 -18.92
CA VAL C 119 -7.16 51.95 -19.32
C VAL C 119 -7.55 53.27 -20.00
N SER C 120 -6.55 54.14 -20.15
CA SER C 120 -6.66 55.48 -20.76
C SER C 120 -7.74 56.34 -20.11
N SER C 136 -8.19 25.42 -34.32
CA SER C 136 -8.69 26.74 -33.96
C SER C 136 -9.38 26.72 -32.60
N ASP C 137 -10.40 27.57 -32.46
CA ASP C 137 -11.17 27.68 -31.23
C ASP C 137 -12.59 27.23 -31.47
N ILE C 138 -13.21 26.66 -30.43
CA ILE C 138 -14.60 26.21 -30.52
C ILE C 138 -15.69 27.26 -30.43
N VAL C 139 -16.35 27.52 -31.55
CA VAL C 139 -17.44 28.48 -31.64
C VAL C 139 -18.75 28.04 -31.04
N MET C 140 -19.30 28.85 -30.14
CA MET C 140 -20.52 28.52 -29.43
C MET C 140 -21.42 29.76 -29.39
N THR C 141 -22.57 29.68 -30.05
CA THR C 141 -23.45 30.83 -30.22
C THR C 141 -24.78 30.57 -29.56
N GLN C 142 -25.23 31.52 -28.74
CA GLN C 142 -26.60 31.52 -28.22
C GLN C 142 -27.51 32.20 -29.24
N ALA C 143 -28.74 31.71 -29.34
CA ALA C 143 -29.61 32.02 -30.47
C ALA C 143 -30.05 33.48 -30.48
N THR C 144 -30.78 33.89 -29.46
CA THR C 144 -31.21 35.28 -29.33
C THR C 144 -30.83 35.80 -27.95
N SER C 145 -30.24 37.00 -27.93
CA SER C 145 -29.73 37.57 -26.69
C SER C 145 -30.82 38.14 -25.79
N SER C 146 -32.07 38.17 -26.25
CA SER C 146 -33.16 38.75 -25.48
C SER C 146 -34.38 37.87 -25.62
N VAL C 147 -34.91 37.40 -24.49
CA VAL C 147 -36.14 36.62 -24.45
C VAL C 147 -37.11 37.28 -23.47
N PRO C 148 -38.22 37.85 -23.93
CA PRO C 148 -39.21 38.40 -22.99
C PRO C 148 -40.02 37.29 -22.34
N VAL C 149 -40.13 37.34 -21.01
CA VAL C 149 -40.76 36.30 -20.23
C VAL C 149 -41.84 36.90 -19.34
N THR C 150 -42.60 36.01 -18.69
CA THR C 150 -43.65 36.34 -17.74
C THR C 150 -43.41 35.52 -16.47
N PRO C 151 -43.53 36.13 -15.27
CA PRO C 151 -43.16 35.43 -14.03
C PRO C 151 -44.10 34.29 -13.66
N GLY C 152 -43.87 33.11 -14.23
CA GLY C 152 -44.67 31.95 -13.92
C GLY C 152 -44.87 30.97 -15.06
N GLU C 153 -44.43 31.33 -16.26
CA GLU C 153 -44.47 30.43 -17.40
C GLU C 153 -43.09 29.87 -17.69
N SER C 154 -43.06 28.69 -18.29
CA SER C 154 -41.80 28.01 -18.58
C SER C 154 -41.23 28.47 -19.92
N VAL C 155 -39.93 28.72 -19.94
CA VAL C 155 -39.21 29.11 -21.15
C VAL C 155 -38.05 28.14 -21.37
N SER C 156 -37.50 28.20 -22.58
CA SER C 156 -36.34 27.39 -22.92
C SER C 156 -35.42 28.19 -23.82
N ILE C 157 -34.13 28.10 -23.51
CA ILE C 157 -33.08 28.73 -24.27
C ILE C 157 -32.02 27.69 -24.59
N SER C 158 -31.15 27.98 -25.54
CA SER C 158 -30.13 27.04 -25.92
C SER C 158 -29.00 27.71 -26.68
N CYS C 159 -27.88 27.01 -26.81
CA CYS C 159 -26.74 27.53 -27.55
C CYS C 159 -26.15 26.37 -28.33
N ARG C 160 -25.71 26.66 -29.55
CA ARG C 160 -25.14 25.61 -30.40
C ARG C 160 -23.64 25.57 -30.26
N SER C 161 -23.08 24.41 -30.56
CA SER C 161 -21.65 24.22 -30.47
C SER C 161 -21.08 23.94 -31.85
N SER C 162 -19.89 24.44 -32.09
CA SER C 162 -19.20 24.25 -33.36
C SER C 162 -19.13 22.77 -33.68
N LYS C 163 -18.67 22.03 -32.71
CA LYS C 163 -18.46 20.59 -32.70
C LYS C 163 -19.15 19.99 -31.48
N SER C 164 -19.39 18.69 -31.56
CA SER C 164 -20.06 17.99 -30.46
C SER C 164 -19.14 17.91 -29.24
N LEU C 165 -19.75 18.04 -28.06
CA LEU C 165 -19.02 17.98 -26.80
C LEU C 165 -19.00 16.58 -26.21
N LEU C 166 -19.60 15.60 -26.89
CA LEU C 166 -19.67 14.23 -26.39
C LEU C 166 -18.31 13.57 -26.56
N HIS C 167 -17.59 13.42 -25.46
CA HIS C 167 -16.31 12.75 -25.46
C HIS C 167 -16.52 11.23 -25.53
N SER C 168 -15.41 10.51 -25.73
CA SER C 168 -15.46 9.05 -25.88
C SER C 168 -15.89 8.34 -24.60
N ASN C 169 -15.73 8.99 -23.45
CA ASN C 169 -16.16 8.38 -22.18
C ASN C 169 -17.65 8.52 -21.91
N GLY C 170 -18.43 9.01 -22.88
CA GLY C 170 -19.87 9.09 -22.74
C GLY C 170 -20.36 10.25 -21.89
N ASN C 171 -19.50 11.21 -21.58
CA ASN C 171 -19.87 12.36 -20.75
C ASN C 171 -19.70 13.63 -21.57
N THR C 172 -20.79 14.35 -21.79
CA THR C 172 -20.70 15.67 -22.39
C THR C 172 -20.37 16.71 -21.33
N TYR C 173 -19.67 17.75 -21.75
CA TYR C 173 -19.09 18.73 -20.84
C TYR C 173 -19.63 20.12 -21.18
N LEU C 174 -20.59 20.61 -20.39
CA LEU C 174 -21.18 21.92 -20.63
C LEU C 174 -21.78 22.46 -19.34
N TYR C 175 -21.59 23.77 -19.11
CA TYR C 175 -21.93 24.41 -17.85
C TYR C 175 -22.78 25.65 -18.13
N TRP C 176 -23.83 25.85 -17.33
CA TRP C 176 -24.73 26.99 -17.48
C TRP C 176 -24.56 27.94 -16.31
N PHE C 177 -24.66 29.24 -16.59
CA PHE C 177 -24.40 30.28 -15.59
C PHE C 177 -25.50 31.34 -15.64
N LEU C 178 -25.71 31.99 -14.50
CA LEU C 178 -26.69 33.07 -14.36
C LEU C 178 -25.97 34.32 -13.89
N GLN C 179 -26.00 35.37 -14.69
CA GLN C 179 -25.45 36.66 -14.29
C GLN C 179 -26.56 37.44 -13.59
N ARG C 180 -26.54 37.43 -12.26
CA ARG C 180 -27.45 38.28 -11.50
C ARG C 180 -27.09 39.74 -11.76
N PRO C 181 -28.08 40.64 -11.87
CA PRO C 181 -27.80 41.98 -12.39
C PRO C 181 -27.02 42.87 -11.42
N GLY C 182 -25.72 43.03 -11.71
CA GLY C 182 -24.85 43.88 -10.94
C GLY C 182 -23.83 43.18 -10.07
N GLN C 183 -23.94 41.87 -9.89
CA GLN C 183 -23.05 41.16 -8.96
C GLN C 183 -22.55 39.88 -9.61
N SER C 184 -21.90 39.04 -8.81
CA SER C 184 -21.20 37.85 -9.28
C SER C 184 -22.19 36.81 -9.79
N PRO C 185 -21.78 35.98 -10.76
CA PRO C 185 -22.65 34.89 -11.23
C PRO C 185 -22.53 33.64 -10.39
N GLN C 186 -23.23 32.58 -10.81
CA GLN C 186 -23.21 31.31 -10.12
C GLN C 186 -23.36 30.19 -11.14
N LEU C 187 -23.08 28.97 -10.70
CA LEU C 187 -23.19 27.79 -11.55
C LEU C 187 -24.52 27.10 -11.29
N LEU C 188 -25.26 26.82 -12.36
CA LEU C 188 -26.56 26.18 -12.26
C LEU C 188 -26.46 24.67 -12.42
N ILE C 189 -25.98 24.22 -13.57
CA ILE C 189 -25.94 22.81 -13.92
C ILE C 189 -24.59 22.53 -14.57
N TYR C 190 -23.92 21.49 -14.11
CA TYR C 190 -22.58 21.15 -14.60
C TYR C 190 -22.63 19.84 -15.39
N ARG C 191 -21.90 19.83 -16.51
CA ARG C 191 -21.81 18.70 -17.44
C ARG C 191 -23.18 18.27 -17.96
N MET C 192 -24.01 19.27 -18.29
CA MET C 192 -25.23 19.17 -19.11
C MET C 192 -26.37 18.38 -18.46
N SER C 193 -26.15 17.79 -17.29
CA SER C 193 -27.19 16.97 -16.68
C SER C 193 -27.30 17.09 -15.17
N ASN C 194 -26.30 17.62 -14.47
CA ASN C 194 -26.25 17.58 -13.02
C ASN C 194 -26.34 18.99 -12.46
N LEU C 195 -27.41 19.25 -11.71
CA LEU C 195 -27.61 20.55 -11.09
C LEU C 195 -26.61 20.76 -9.95
N ALA C 196 -26.25 22.03 -9.73
CA ALA C 196 -25.34 22.40 -8.66
C ALA C 196 -26.06 22.52 -7.33
N SER C 197 -25.28 22.58 -6.25
CA SER C 197 -25.84 22.73 -4.93
C SER C 197 -26.31 24.17 -4.70
N GLY C 198 -27.33 24.31 -3.85
CA GLY C 198 -27.87 25.62 -3.56
C GLY C 198 -28.74 26.19 -4.66
N VAL C 199 -29.08 25.38 -5.66
CA VAL C 199 -29.85 25.81 -6.82
C VAL C 199 -31.17 25.06 -6.80
N PRO C 200 -32.30 25.72 -7.03
CA PRO C 200 -33.58 25.00 -7.07
C PRO C 200 -33.66 24.06 -8.26
N ASP C 201 -34.49 23.01 -8.11
CA ASP C 201 -34.59 21.95 -9.10
C ASP C 201 -35.33 22.37 -10.37
N ARG C 202 -35.87 23.58 -10.42
CA ARG C 202 -36.59 24.06 -11.60
C ARG C 202 -35.69 24.14 -12.82
N PHE C 203 -34.44 24.55 -12.61
CA PHE C 203 -33.47 24.62 -13.70
C PHE C 203 -33.03 23.21 -14.10
N SER C 204 -33.02 22.95 -15.41
CA SER C 204 -32.59 21.65 -15.92
C SER C 204 -32.17 21.81 -17.37
N GLY C 205 -30.94 21.41 -17.69
CA GLY C 205 -30.46 21.45 -19.05
C GLY C 205 -30.50 20.09 -19.72
N SER C 206 -30.51 20.12 -21.05
CA SER C 206 -30.61 18.93 -21.87
C SER C 206 -30.11 19.26 -23.27
N GLY C 207 -30.36 18.35 -24.21
CA GLY C 207 -30.07 18.58 -25.60
C GLY C 207 -29.48 17.34 -26.24
N SER C 208 -29.02 17.50 -27.47
CA SER C 208 -28.37 16.43 -28.22
C SER C 208 -26.86 16.49 -28.01
N GLY C 209 -26.11 15.73 -28.81
CA GLY C 209 -24.66 15.78 -28.74
C GLY C 209 -24.06 17.07 -29.23
N THR C 210 -24.77 17.79 -30.09
CA THR C 210 -24.36 19.10 -30.58
C THR C 210 -25.34 20.20 -30.18
N ALA C 211 -26.64 19.95 -30.30
CA ALA C 211 -27.63 20.91 -29.81
C ALA C 211 -27.71 20.84 -28.29
N PHE C 212 -27.67 22.01 -27.65
CA PHE C 212 -27.70 22.12 -26.20
C PHE C 212 -28.75 23.14 -25.81
N THR C 213 -29.51 22.84 -24.76
CA THR C 213 -30.59 23.74 -24.35
C THR C 213 -30.78 23.68 -22.84
N LEU C 214 -31.41 24.73 -22.32
CA LEU C 214 -31.82 24.82 -20.92
C LEU C 214 -33.33 24.88 -20.85
N THR C 215 -33.90 24.26 -19.82
CA THR C 215 -35.34 24.26 -19.59
C THR C 215 -35.64 24.97 -18.28
N ILE C 216 -36.05 26.24 -18.37
CA ILE C 216 -36.48 26.98 -17.19
C ILE C 216 -37.96 26.69 -16.96
N SER C 217 -38.30 26.23 -15.76
CA SER C 217 -39.67 25.88 -15.41
C SER C 217 -40.11 26.73 -14.23
N ARG C 218 -41.30 27.35 -14.37
CA ARG C 218 -41.95 28.13 -13.32
C ARG C 218 -41.05 29.23 -12.76
N LEU C 219 -40.55 30.08 -13.66
CA LEU C 219 -39.63 31.13 -13.26
C LEU C 219 -40.36 32.22 -12.48
N GLU C 220 -39.64 32.82 -11.52
CA GLU C 220 -40.19 33.93 -10.75
C GLU C 220 -39.16 35.07 -10.72
N ALA C 221 -39.40 36.08 -9.90
CA ALA C 221 -38.68 37.35 -10.04
C ALA C 221 -37.30 37.38 -9.38
N GLU C 222 -36.47 36.38 -9.68
CA GLU C 222 -35.04 36.49 -9.41
C GLU C 222 -34.17 35.88 -10.51
N ASP C 223 -34.76 35.28 -11.53
CA ASP C 223 -34.03 34.64 -12.61
C ASP C 223 -33.67 35.61 -13.73
N VAL C 224 -33.95 36.90 -13.54
CA VAL C 224 -33.62 37.91 -14.54
C VAL C 224 -32.12 38.08 -14.62
N GLY C 225 -31.57 38.02 -15.83
CA GLY C 225 -30.16 38.24 -16.03
C GLY C 225 -29.69 37.56 -17.30
N VAL C 226 -28.39 37.72 -17.55
CA VAL C 226 -27.75 37.16 -18.74
C VAL C 226 -27.31 35.73 -18.42
N TYR C 227 -27.59 34.81 -19.34
CA TYR C 227 -27.24 33.41 -19.16
C TYR C 227 -26.11 33.06 -20.11
N TYR C 228 -25.29 32.09 -19.72
CA TYR C 228 -24.12 31.70 -20.51
C TYR C 228 -23.99 30.18 -20.56
N CYS C 229 -23.28 29.69 -21.57
CA CYS C 229 -22.92 28.29 -21.68
C CYS C 229 -21.46 28.18 -22.08
N MET C 230 -20.79 27.13 -21.58
CA MET C 230 -19.35 26.98 -21.72
C MET C 230 -18.97 25.59 -22.22
N GLN C 231 -17.90 25.54 -23.00
CA GLN C 231 -17.24 24.30 -23.39
C GLN C 231 -16.23 23.91 -22.31
N HIS C 232 -16.05 22.60 -22.11
CA HIS C 232 -15.09 22.10 -21.14
C HIS C 232 -14.24 20.96 -21.69
N LEU C 233 -14.32 20.67 -22.99
CA LEU C 233 -13.50 19.62 -23.58
C LEU C 233 -12.02 19.99 -23.57
N GLU C 234 -11.71 21.28 -23.62
CA GLU C 234 -10.34 21.75 -23.58
C GLU C 234 -10.23 22.94 -22.62
N TYR C 235 -9.02 23.16 -22.14
CA TYR C 235 -8.65 24.29 -21.27
C TYR C 235 -8.93 25.70 -21.80
N PRO C 236 -9.05 25.94 -23.13
CA PRO C 236 -9.60 27.24 -23.57
C PRO C 236 -10.96 27.61 -22.97
N LEU C 237 -11.86 26.64 -22.81
CA LEU C 237 -13.13 26.80 -22.09
C LEU C 237 -13.97 27.93 -22.67
N THR C 238 -14.27 27.84 -23.96
CA THR C 238 -14.89 28.95 -24.67
C THR C 238 -16.31 29.20 -24.16
N PHE C 239 -16.71 30.46 -24.18
CA PHE C 239 -17.96 30.89 -23.59
C PHE C 239 -19.02 30.99 -24.68
N GLY C 240 -20.17 31.57 -24.34
CA GLY C 240 -21.18 31.92 -25.31
C GLY C 240 -21.39 33.43 -25.38
N ALA C 241 -22.27 33.82 -26.30
CA ALA C 241 -22.56 35.24 -26.49
C ALA C 241 -23.34 35.81 -25.31
N GLY C 242 -24.41 35.14 -24.91
CA GLY C 242 -25.19 35.57 -23.74
C GLY C 242 -26.62 35.89 -24.10
N THR C 243 -27.55 35.37 -23.30
CA THR C 243 -28.98 35.64 -23.43
C THR C 243 -29.42 36.44 -22.22
N LYS C 244 -29.60 37.75 -22.40
CA LYS C 244 -30.20 38.58 -21.37
C LYS C 244 -31.67 38.21 -21.24
N LEU C 245 -32.05 37.66 -20.09
CA LEU C 245 -33.41 37.19 -19.85
C LEU C 245 -34.16 38.30 -19.12
N GLU C 246 -34.81 39.17 -19.88
CA GLU C 246 -35.59 40.27 -19.31
C GLU C 246 -37.03 39.83 -19.08
N LEU C 247 -37.73 40.60 -18.26
CA LEU C 247 -39.12 40.30 -17.92
C LEU C 247 -40.06 40.71 -19.04
N SER D 167 57.73 -21.78 -24.91
CA SER D 167 57.87 -20.77 -23.87
C SER D 167 56.68 -19.81 -23.87
N PHE D 168 56.77 -18.78 -24.70
CA PHE D 168 55.69 -17.80 -24.82
C PHE D 168 54.44 -18.42 -25.40
N GLU D 169 54.59 -19.25 -26.44
CA GLU D 169 53.45 -19.91 -27.07
C GLU D 169 52.78 -20.91 -26.14
N GLU D 170 53.57 -21.71 -25.41
CA GLU D 170 52.98 -22.68 -24.50
C GLU D 170 52.34 -21.99 -23.29
N SER D 171 52.94 -20.89 -22.82
CA SER D 171 52.35 -20.13 -21.73
C SER D 171 51.01 -19.52 -22.12
N ARG D 172 50.95 -18.95 -23.34
CA ARG D 172 49.68 -18.36 -23.76
C ARG D 172 48.63 -19.43 -24.06
N ILE D 173 49.02 -20.60 -24.58
CA ILE D 173 48.02 -21.63 -24.86
C ILE D 173 47.48 -22.24 -23.56
N VAL D 174 48.33 -22.38 -22.52
CA VAL D 174 47.79 -22.93 -21.27
C VAL D 174 46.94 -21.90 -20.54
N LEU D 175 47.28 -20.60 -20.63
CA LEU D 175 46.42 -19.61 -19.99
C LEU D 175 45.11 -19.45 -20.72
N VAL D 176 45.07 -19.60 -22.05
CA VAL D 176 43.77 -19.49 -22.70
C VAL D 176 42.94 -20.75 -22.51
N VAL D 177 43.59 -21.92 -22.31
CA VAL D 177 42.85 -23.13 -21.97
C VAL D 177 42.20 -23.00 -20.60
N VAL D 178 42.95 -22.48 -19.60
CA VAL D 178 42.34 -22.31 -18.29
C VAL D 178 41.36 -21.14 -18.29
N TYR D 179 41.51 -20.18 -19.21
CA TYR D 179 40.50 -19.15 -19.41
C TYR D 179 39.17 -19.76 -19.85
N SER D 180 39.21 -20.64 -20.85
CA SER D 180 38.00 -21.29 -21.35
C SER D 180 37.36 -22.16 -20.27
N ALA D 181 38.19 -22.87 -19.50
CA ALA D 181 37.67 -23.70 -18.40
C ALA D 181 37.01 -22.85 -17.33
N VAL D 182 37.63 -21.71 -16.98
CA VAL D 182 37.09 -20.83 -15.95
C VAL D 182 35.77 -20.22 -16.41
N CYS D 183 35.68 -19.81 -17.69
CA CYS D 183 34.42 -19.28 -18.21
C CYS D 183 33.32 -20.34 -18.22
N THR D 184 33.63 -21.56 -18.67
CA THR D 184 32.60 -22.59 -18.74
C THR D 184 32.22 -23.13 -17.37
N LEU D 185 33.02 -22.86 -16.33
CA LEU D 185 32.54 -23.14 -14.98
C LEU D 185 31.86 -21.94 -14.32
N GLY D 186 32.07 -20.72 -14.83
CA GLY D 186 31.53 -19.56 -14.18
C GLY D 186 30.27 -18.94 -14.77
N VAL D 187 29.97 -19.23 -16.03
CA VAL D 187 28.78 -18.65 -16.67
C VAL D 187 27.45 -19.07 -16.03
N PRO D 188 27.18 -20.37 -15.75
CA PRO D 188 25.90 -20.70 -15.09
C PRO D 188 25.74 -20.12 -13.70
N ALA D 189 26.84 -20.00 -12.94
CA ALA D 189 26.78 -19.34 -11.64
C ALA D 189 26.45 -17.85 -11.80
N ASN D 190 26.96 -17.23 -12.87
CA ASN D 190 26.67 -15.83 -13.16
C ASN D 190 25.18 -15.64 -13.49
N CYS D 191 24.62 -16.52 -14.32
CA CYS D 191 23.21 -16.38 -14.68
C CYS D 191 22.30 -16.69 -13.49
N LEU D 192 22.69 -17.67 -12.66
CA LEU D 192 21.94 -17.97 -11.45
C LEU D 192 21.96 -16.80 -10.47
N THR D 193 23.12 -16.15 -10.30
CA THR D 193 23.19 -15.01 -9.40
C THR D 193 22.44 -13.81 -9.97
N ALA D 194 22.41 -13.66 -11.29
CA ALA D 194 21.65 -12.59 -11.91
C ALA D 194 20.15 -12.77 -11.68
N TRP D 195 19.65 -13.99 -11.87
CA TRP D 195 18.25 -14.26 -11.60
C TRP D 195 17.93 -14.14 -10.11
N LEU D 196 18.89 -14.52 -9.26
CA LEU D 196 18.70 -14.41 -7.82
C LEU D 196 18.60 -12.95 -7.37
N ALA D 197 19.46 -12.09 -7.90
CA ALA D 197 19.37 -10.68 -7.57
C ALA D 197 18.13 -10.03 -8.17
N LEU D 198 17.69 -10.50 -9.35
CA LEU D 198 16.46 -10.00 -9.95
C LEU D 198 15.24 -10.36 -9.09
N LEU D 199 15.20 -11.57 -8.55
CA LEU D 199 14.10 -11.90 -7.64
C LEU D 199 14.28 -11.28 -6.25
N GLN D 200 15.51 -10.90 -5.89
CA GLN D 200 15.74 -10.26 -4.59
C GLN D 200 15.44 -8.77 -4.61
N VAL D 201 15.42 -8.14 -5.78
CA VAL D 201 15.12 -6.71 -5.85
C VAL D 201 13.63 -6.44 -5.63
N LEU D 202 12.78 -7.47 -5.69
CA LEU D 202 11.36 -7.30 -5.47
C LEU D 202 11.06 -6.87 -4.04
N GLN D 203 11.76 -7.46 -3.07
CA GLN D 203 11.72 -6.97 -1.71
C GLN D 203 12.73 -5.84 -1.56
N GLY D 204 12.41 -4.87 -0.71
CA GLY D 204 13.20 -3.66 -0.63
C GLY D 204 14.57 -3.82 0.00
N ASN D 205 15.61 -3.82 -0.82
CA ASN D 205 17.00 -3.77 -0.38
C ASN D 205 17.76 -2.87 -1.34
N VAL D 206 18.53 -1.93 -0.79
CA VAL D 206 19.26 -0.98 -1.61
C VAL D 206 20.40 -1.66 -2.34
N LEU D 207 21.08 -2.61 -1.69
CA LEU D 207 22.17 -3.31 -2.33
C LEU D 207 21.71 -4.49 -3.19
N ALA D 208 20.42 -4.82 -3.17
CA ALA D 208 19.92 -5.84 -4.09
C ALA D 208 20.03 -5.40 -5.54
N VAL D 209 19.70 -4.14 -5.82
CA VAL D 209 19.86 -3.64 -7.17
C VAL D 209 21.34 -3.40 -7.48
N TYR D 210 22.16 -3.21 -6.45
CA TYR D 210 23.61 -3.16 -6.65
C TYR D 210 24.15 -4.50 -7.12
N LEU D 211 23.68 -5.58 -6.48
CA LEU D 211 24.06 -6.93 -6.90
C LEU D 211 23.48 -7.27 -8.28
N LEU D 212 22.27 -6.78 -8.56
CA LEU D 212 21.67 -6.95 -9.88
C LEU D 212 22.51 -6.30 -10.96
N CYS D 213 22.92 -5.04 -10.73
CA CYS D 213 23.74 -4.32 -11.71
C CYS D 213 25.10 -4.97 -11.87
N LEU D 214 25.71 -5.43 -10.77
CA LEU D 214 27.01 -6.10 -10.84
C LEU D 214 26.91 -7.41 -11.62
N ALA D 215 25.86 -8.19 -11.39
CA ALA D 215 25.68 -9.44 -12.11
C ALA D 215 25.39 -9.20 -13.60
N LEU D 216 24.60 -8.18 -13.92
CA LEU D 216 24.35 -7.84 -15.32
C LEU D 216 25.62 -7.39 -16.03
N CYS D 217 26.42 -6.56 -15.36
CA CYS D 217 27.71 -6.14 -15.91
C CYS D 217 28.64 -7.34 -16.11
N GLU D 218 28.58 -8.32 -15.21
CA GLU D 218 29.33 -9.55 -15.39
C GLU D 218 28.88 -10.32 -16.63
N LEU D 219 27.56 -10.44 -16.80
CA LEU D 219 26.98 -11.11 -17.97
C LEU D 219 27.27 -10.38 -19.27
N LEU D 220 27.60 -9.09 -19.22
CA LEU D 220 28.00 -8.37 -20.42
C LEU D 220 29.25 -8.97 -21.07
N TYR D 221 30.29 -9.28 -20.29
CA TYR D 221 31.53 -9.74 -20.88
C TYR D 221 31.79 -11.22 -20.69
N THR D 222 30.96 -11.94 -19.92
CA THR D 222 31.25 -13.33 -19.62
C THR D 222 31.16 -14.26 -20.84
N GLY D 223 30.63 -13.78 -21.97
CA GLY D 223 30.62 -14.59 -23.18
C GLY D 223 31.20 -13.92 -24.42
N THR D 224 31.77 -12.72 -24.28
CA THR D 224 32.30 -11.99 -25.43
C THR D 224 33.70 -12.45 -25.79
N LEU D 225 34.66 -12.25 -24.88
CA LEU D 225 36.01 -12.78 -25.06
C LEU D 225 36.10 -14.30 -25.28
N PRO D 226 35.22 -15.16 -24.71
CA PRO D 226 35.26 -16.59 -25.09
C PRO D 226 35.13 -16.89 -26.58
N LEU D 227 34.38 -16.09 -27.34
CA LEU D 227 34.25 -16.32 -28.78
C LEU D 227 35.59 -16.20 -29.48
N TRP D 228 36.32 -15.10 -29.23
CA TRP D 228 37.63 -14.91 -29.84
C TRP D 228 38.66 -15.91 -29.32
N VAL D 229 38.64 -16.19 -28.01
CA VAL D 229 39.71 -17.00 -27.45
C VAL D 229 39.49 -18.48 -27.76
N ILE D 230 38.26 -18.86 -28.13
CA ILE D 230 37.99 -20.21 -28.59
C ILE D 230 38.18 -20.31 -30.11
N TYR D 231 37.94 -19.21 -30.84
CA TYR D 231 38.29 -19.13 -32.26
C TYR D 231 39.78 -19.37 -32.47
N ILE D 232 40.62 -18.49 -31.93
CA ILE D 232 42.07 -18.67 -31.98
C ILE D 232 42.69 -17.80 -30.91
N ARG D 233 43.78 -18.34 -30.32
CA ARG D 233 44.62 -17.50 -29.43
C ARG D 233 45.15 -16.45 -30.39
N ASN D 234 45.21 -15.20 -29.97
CA ASN D 234 45.48 -14.12 -30.91
C ASN D 234 46.97 -14.02 -31.22
N GLN D 235 47.29 -14.17 -32.51
CA GLN D 235 48.63 -13.99 -33.02
C GLN D 235 48.61 -12.85 -34.03
N HIS D 236 47.93 -11.76 -33.64
CA HIS D 236 47.62 -10.58 -34.46
C HIS D 236 46.74 -10.89 -35.66
N ARG D 237 46.10 -12.06 -35.69
CA ARG D 237 45.19 -12.40 -36.78
C ARG D 237 43.77 -12.06 -36.37
N TRP D 238 43.08 -11.30 -37.22
CA TRP D 238 41.71 -10.87 -36.97
C TRP D 238 40.89 -11.19 -38.22
N THR D 239 40.23 -12.35 -38.21
CA THR D 239 39.46 -12.78 -39.37
C THR D 239 38.24 -11.90 -39.61
N LEU D 240 37.68 -11.34 -38.54
CA LEU D 240 36.53 -10.45 -38.65
C LEU D 240 36.98 -9.06 -39.09
N GLY D 241 36.03 -8.13 -39.16
CA GLY D 241 36.31 -6.77 -39.54
C GLY D 241 36.80 -5.86 -38.42
N LEU D 242 37.11 -6.44 -37.26
CA LEU D 242 37.71 -5.83 -36.07
C LEU D 242 36.75 -4.91 -35.32
N LEU D 243 35.55 -4.67 -35.87
CA LEU D 243 34.51 -3.99 -35.11
C LEU D 243 34.10 -4.82 -33.91
N ALA D 244 34.00 -6.14 -34.08
CA ALA D 244 33.64 -7.02 -32.98
C ALA D 244 34.74 -7.08 -31.92
N CYS D 245 36.01 -7.03 -32.34
CA CYS D 245 37.10 -7.06 -31.36
C CYS D 245 37.18 -5.75 -30.59
N LYS D 246 36.91 -4.62 -31.27
CA LYS D 246 36.78 -3.35 -30.57
C LYS D 246 35.62 -3.37 -29.58
N VAL D 247 34.50 -3.99 -29.96
CA VAL D 247 33.33 -4.11 -29.08
C VAL D 247 33.66 -4.95 -27.85
N THR D 248 34.36 -6.08 -28.04
CA THR D 248 34.73 -6.94 -26.91
C THR D 248 35.72 -6.23 -25.99
N ALA D 249 36.66 -5.47 -26.55
CA ALA D 249 37.58 -4.68 -25.73
C ALA D 249 36.81 -3.60 -24.95
N TYR D 250 35.78 -3.02 -25.57
CA TYR D 250 34.94 -2.05 -24.89
C TYR D 250 34.23 -2.67 -23.69
N ILE D 251 33.59 -3.81 -23.92
CA ILE D 251 32.82 -4.46 -22.86
C ILE D 251 33.75 -4.92 -21.74
N PHE D 252 34.95 -5.38 -22.09
CA PHE D 252 35.91 -5.83 -21.08
C PHE D 252 36.43 -4.68 -20.22
N PHE D 253 36.85 -3.57 -20.84
CA PHE D 253 37.36 -2.43 -20.08
C PHE D 253 36.27 -1.79 -19.22
N CYS D 254 35.10 -1.57 -19.82
CA CYS D 254 33.97 -0.97 -19.12
C CYS D 254 33.52 -1.86 -17.97
N ASN D 255 33.48 -3.18 -18.20
CA ASN D 255 33.14 -4.14 -17.16
C ASN D 255 34.11 -4.11 -15.99
N ILE D 256 35.42 -4.10 -16.28
CA ILE D 256 36.41 -4.16 -15.20
C ILE D 256 36.30 -2.94 -14.31
N TYR D 257 36.22 -1.74 -14.92
CA TYR D 257 36.14 -0.54 -14.12
C TYR D 257 34.79 -0.42 -13.40
N VAL D 258 33.70 -0.80 -14.07
CA VAL D 258 32.39 -0.67 -13.44
C VAL D 258 32.19 -1.73 -12.34
N SER D 259 32.86 -2.88 -12.46
CA SER D 259 32.74 -3.91 -11.42
C SER D 259 33.54 -3.52 -10.20
N ILE D 260 34.71 -2.92 -10.41
CA ILE D 260 35.50 -2.39 -9.28
C ILE D 260 34.73 -1.29 -8.55
N LEU D 261 34.15 -0.36 -9.32
CA LEU D 261 33.39 0.72 -8.70
C LEU D 261 32.11 0.21 -8.04
N PHE D 262 31.49 -0.84 -8.61
CA PHE D 262 30.27 -1.38 -8.02
C PHE D 262 30.55 -2.12 -6.73
N LEU D 263 31.64 -2.89 -6.66
CA LEU D 263 31.96 -3.56 -5.40
C LEU D 263 32.37 -2.56 -4.33
N CYS D 264 33.03 -1.47 -4.74
CA CYS D 264 33.43 -0.48 -3.74
C CYS D 264 32.24 0.35 -3.24
N CYS D 265 31.27 0.65 -4.12
CA CYS D 265 30.08 1.34 -3.63
C CYS D 265 29.17 0.39 -2.85
N ILE D 266 29.23 -0.91 -3.14
CA ILE D 266 28.58 -1.91 -2.28
C ILE D 266 29.17 -1.86 -0.88
N SER D 267 30.50 -1.79 -0.79
CA SER D 267 31.18 -1.70 0.50
C SER D 267 30.84 -0.39 1.22
N CYS D 268 30.74 0.70 0.47
CA CYS D 268 30.33 1.99 1.07
C CYS D 268 28.91 1.92 1.61
N ASP D 269 28.00 1.24 0.89
CA ASP D 269 26.65 1.03 1.38
C ASP D 269 26.64 0.15 2.63
N ARG D 270 27.50 -0.86 2.68
CA ARG D 270 27.64 -1.68 3.87
C ARG D 270 28.09 -0.85 5.07
N PHE D 271 29.07 0.03 4.84
CA PHE D 271 29.58 0.93 5.87
C PHE D 271 28.48 1.84 6.41
N VAL D 272 27.79 2.54 5.51
CA VAL D 272 26.76 3.48 5.94
C VAL D 272 25.53 2.76 6.49
N ALA D 273 25.35 1.48 6.14
CA ALA D 273 24.29 0.69 6.75
C ALA D 273 24.64 0.30 8.18
N VAL D 274 25.90 -0.06 8.43
CA VAL D 274 26.24 -0.64 9.72
C VAL D 274 26.53 0.43 10.76
N VAL D 275 27.50 1.32 10.50
CA VAL D 275 27.95 2.18 11.60
C VAL D 275 26.95 3.31 11.87
N TYR D 276 26.49 3.98 10.82
CA TYR D 276 25.56 5.09 10.98
C TYR D 276 24.13 4.63 10.71
N ALA D 277 23.69 3.63 11.47
CA ALA D 277 22.43 2.96 11.15
C ALA D 277 21.21 3.80 11.52
N LEU D 278 21.34 4.64 12.54
CA LEU D 278 20.22 5.51 12.93
C LEU D 278 19.98 6.59 11.89
N GLU D 279 21.04 7.22 11.40
CA GLU D 279 20.90 8.32 10.45
C GLU D 279 20.62 7.83 9.04
N SER D 280 21.05 6.61 8.70
CA SER D 280 20.95 6.14 7.32
C SER D 280 19.53 5.77 6.90
N ARG D 281 18.58 5.70 7.85
CA ARG D 281 17.23 5.24 7.54
C ARG D 281 16.49 6.18 6.59
N GLY D 282 16.91 7.44 6.49
CA GLY D 282 16.37 8.33 5.49
C GLY D 282 17.20 8.36 4.23
N ARG D 283 18.47 8.00 4.33
CA ARG D 283 19.39 8.03 3.19
C ARG D 283 19.35 6.76 2.36
N ARG D 284 18.60 5.74 2.79
CA ARG D 284 18.51 4.48 2.05
C ARG D 284 17.32 4.44 1.11
N ARG D 285 16.93 5.58 0.54
CA ARG D 285 15.93 5.57 -0.52
C ARG D 285 16.54 4.96 -1.77
N ARG D 286 15.73 4.19 -2.51
CA ARG D 286 16.24 3.37 -3.60
C ARG D 286 16.63 4.20 -4.83
N ARG D 287 16.14 5.44 -4.94
CA ARG D 287 16.43 6.27 -6.10
C ARG D 287 17.92 6.60 -6.18
N THR D 288 18.57 6.76 -5.03
CA THR D 288 20.00 7.00 -5.00
C THR D 288 20.79 5.82 -5.55
N ALA D 289 20.29 4.60 -5.33
CA ALA D 289 20.99 3.41 -5.81
C ALA D 289 21.01 3.33 -7.34
N ILE D 290 19.85 3.51 -7.96
CA ILE D 290 19.76 3.53 -9.42
C ILE D 290 20.52 4.72 -9.99
N LEU D 291 20.48 5.87 -9.30
CA LEU D 291 21.21 7.06 -9.74
C LEU D 291 22.72 6.82 -9.75
N ILE D 292 23.24 6.19 -8.68
CA ILE D 292 24.68 5.93 -8.57
C ILE D 292 25.11 4.89 -9.59
N SER D 293 24.31 3.82 -9.77
CA SER D 293 24.68 2.78 -10.74
C SER D 293 24.67 3.31 -12.16
N ALA D 294 23.65 4.11 -12.51
CA ALA D 294 23.57 4.69 -13.86
C ALA D 294 24.68 5.71 -14.09
N CYS D 295 25.02 6.52 -13.08
CA CYS D 295 26.08 7.50 -13.25
C CYS D 295 27.43 6.83 -13.44
N ILE D 296 27.69 5.75 -12.68
CA ILE D 296 28.95 5.02 -12.83
C ILE D 296 29.02 4.34 -14.20
N PHE D 297 27.90 3.79 -14.68
CA PHE D 297 27.88 3.13 -15.99
C PHE D 297 28.12 4.11 -17.13
N ILE D 298 27.45 5.27 -17.09
CA ILE D 298 27.65 6.27 -18.14
C ILE D 298 29.06 6.86 -18.06
N LEU D 299 29.58 7.05 -16.83
CA LEU D 299 30.93 7.57 -16.66
C LEU D 299 31.98 6.61 -17.21
N VAL D 300 31.82 5.31 -16.97
CA VAL D 300 32.82 4.37 -17.48
C VAL D 300 32.71 4.21 -19.00
N GLY D 301 31.50 4.35 -19.57
CA GLY D 301 31.39 4.36 -21.03
C GLY D 301 32.09 5.55 -21.67
N ILE D 302 31.85 6.74 -21.13
CA ILE D 302 32.47 7.95 -21.66
C ILE D 302 33.99 7.92 -21.43
N VAL D 303 34.43 7.35 -20.30
CA VAL D 303 35.86 7.19 -20.03
C VAL D 303 36.49 6.23 -21.03
N HIS D 304 35.77 5.15 -21.39
CA HIS D 304 36.33 4.19 -22.33
C HIS D 304 36.45 4.76 -23.74
N TYR D 305 35.47 5.59 -24.19
CA TYR D 305 35.32 6.08 -25.57
C TYR D 305 36.60 6.49 -26.34
N PRO D 306 37.64 7.07 -25.70
CA PRO D 306 38.92 7.20 -26.43
C PRO D 306 39.54 5.89 -26.90
N VAL D 307 39.29 4.76 -26.24
CA VAL D 307 39.80 3.48 -26.73
C VAL D 307 39.11 3.11 -28.05
N PHE D 308 37.85 3.53 -28.18
CA PHE D 308 37.16 3.33 -29.49
C PHE D 308 37.74 4.34 -30.48
N GLN D 309 38.15 5.52 -29.99
CA GLN D 309 38.75 6.53 -30.87
C GLN D 309 40.16 6.16 -31.34
N THR D 310 40.83 5.23 -30.65
CA THR D 310 42.22 4.89 -30.95
C THR D 310 42.41 4.38 -32.37
N GLU D 311 43.45 4.88 -33.02
CA GLU D 311 43.82 4.49 -34.38
C GLU D 311 44.68 3.23 -34.32
N ASP D 312 45.36 2.91 -35.43
CA ASP D 312 46.24 1.74 -35.59
C ASP D 312 45.47 0.44 -35.36
N LYS D 313 44.54 0.20 -36.29
CA LYS D 313 43.66 -0.96 -36.28
C LYS D 313 44.32 -2.22 -36.85
N GLU D 314 45.66 -2.27 -36.92
CA GLU D 314 46.34 -3.50 -37.28
C GLU D 314 46.14 -4.58 -36.22
N THR D 315 46.20 -4.19 -34.94
CA THR D 315 45.92 -5.09 -33.83
C THR D 315 45.15 -4.32 -32.77
N CYS D 316 44.12 -4.95 -32.20
CA CYS D 316 43.17 -4.25 -31.35
C CYS D 316 43.25 -4.61 -29.88
N PHE D 317 44.08 -5.59 -29.49
CA PHE D 317 44.13 -5.92 -28.07
C PHE D 317 45.02 -4.94 -27.30
N ASP D 318 46.16 -4.56 -27.87
CA ASP D 318 47.15 -3.68 -27.26
C ASP D 318 48.21 -3.34 -28.30
N MET D 319 48.72 -2.11 -28.23
CA MET D 319 49.88 -1.69 -29.01
C MET D 319 50.81 -0.86 -28.14
N LEU D 320 51.06 -1.33 -26.92
CA LEU D 320 51.86 -0.61 -25.94
C LEU D 320 53.36 -0.86 -26.10
N GLN D 321 53.76 -1.71 -27.04
CA GLN D 321 55.17 -2.08 -27.18
C GLN D 321 56.01 -0.98 -27.82
N MET D 322 55.41 -0.06 -28.56
CA MET D 322 56.16 0.95 -29.31
C MET D 322 55.80 2.37 -28.92
N ASP D 323 54.54 2.65 -28.61
CA ASP D 323 54.10 3.99 -28.27
C ASP D 323 53.97 4.13 -26.76
N SER D 324 54.33 5.31 -26.27
CA SER D 324 54.22 5.62 -24.85
C SER D 324 53.14 6.65 -24.54
N ARG D 325 52.60 7.33 -25.56
CA ARG D 325 51.50 8.28 -25.33
C ARG D 325 50.24 7.54 -24.92
N ILE D 326 49.85 6.51 -25.67
CA ILE D 326 48.70 5.69 -25.29
C ILE D 326 48.98 4.91 -24.02
N ALA D 327 50.25 4.57 -23.76
CA ALA D 327 50.62 3.95 -22.50
C ALA D 327 50.40 4.90 -21.34
N GLY D 328 50.70 6.19 -21.53
CA GLY D 328 50.41 7.18 -20.49
C GLY D 328 48.93 7.39 -20.28
N TYR D 329 48.14 7.36 -21.38
CA TYR D 329 46.69 7.43 -21.26
C TYR D 329 46.13 6.24 -20.49
N TYR D 330 46.63 5.04 -20.78
CA TYR D 330 46.19 3.83 -20.10
C TYR D 330 46.65 3.82 -18.64
N TYR D 331 47.82 4.39 -18.36
CA TYR D 331 48.26 4.56 -16.98
C TYR D 331 47.39 5.55 -16.22
N ALA D 332 46.92 6.61 -16.91
CA ALA D 332 46.00 7.55 -16.29
C ALA D 332 44.67 6.87 -15.95
N ARG D 333 44.17 6.03 -16.87
CA ARG D 333 42.96 5.25 -16.60
C ARG D 333 43.16 4.29 -15.43
N PHE D 334 44.34 3.67 -15.36
CA PHE D 334 44.68 2.80 -14.24
C PHE D 334 44.71 3.57 -12.93
N THR D 335 45.32 4.74 -12.92
CA THR D 335 45.45 5.54 -11.71
C THR D 335 44.09 6.04 -11.23
N VAL D 336 43.19 6.40 -12.16
CA VAL D 336 41.89 6.87 -11.72
C VAL D 336 40.92 5.73 -11.41
N GLY D 337 41.18 4.52 -11.87
CA GLY D 337 40.21 3.47 -11.64
C GLY D 337 40.62 2.28 -10.79
N PHE D 338 41.88 2.20 -10.38
CA PHE D 338 42.36 1.01 -9.68
C PHE D 338 42.83 1.29 -8.26
N ALA D 339 43.71 2.27 -8.06
CA ALA D 339 44.36 2.46 -6.77
C ALA D 339 43.43 3.12 -5.74
N ILE D 340 42.68 4.15 -6.16
CA ILE D 340 41.74 4.82 -5.24
C ILE D 340 40.65 3.89 -4.71
N PRO D 341 40.02 3.00 -5.51
CA PRO D 341 39.09 2.03 -4.90
C PRO D 341 39.69 1.11 -3.85
N LEU D 342 41.00 0.80 -3.92
CA LEU D 342 41.65 0.05 -2.85
C LEU D 342 41.64 0.83 -1.55
N SER D 343 41.90 2.13 -1.61
CA SER D 343 41.80 2.98 -0.42
C SER D 343 40.36 3.05 0.08
N ILE D 344 39.39 3.06 -0.83
CA ILE D 344 37.98 3.11 -0.44
C ILE D 344 37.57 1.85 0.30
N ILE D 345 37.91 0.68 -0.24
CA ILE D 345 37.52 -0.58 0.41
C ILE D 345 38.27 -0.76 1.73
N ALA D 346 39.55 -0.33 1.79
CA ALA D 346 40.30 -0.42 3.04
C ALA D 346 39.70 0.46 4.13
N PHE D 347 39.35 1.70 3.78
CA PHE D 347 38.75 2.64 4.73
C PHE D 347 37.41 2.13 5.23
N THR D 348 36.53 1.73 4.31
CA THR D 348 35.20 1.28 4.69
C THR D 348 35.25 0.00 5.53
N ASN D 349 36.12 -0.95 5.14
CA ASN D 349 36.18 -2.21 5.87
C ASN D 349 36.83 -2.05 7.23
N HIS D 350 37.83 -1.16 7.36
CA HIS D 350 38.43 -0.93 8.68
C HIS D 350 37.46 -0.21 9.61
N ARG D 351 36.66 0.73 9.08
CA ARG D 351 35.64 1.35 9.91
C ARG D 351 34.53 0.36 10.26
N ILE D 352 34.22 -0.58 9.35
CA ILE D 352 33.30 -1.67 9.66
C ILE D 352 33.84 -2.52 10.82
N PHE D 353 35.15 -2.83 10.76
CA PHE D 353 35.81 -3.61 11.81
C PHE D 353 35.71 -2.93 13.16
N ARG D 354 36.08 -1.65 13.23
CA ARG D 354 36.05 -0.93 14.49
C ARG D 354 34.63 -0.77 15.00
N SER D 355 33.69 -0.43 14.11
CA SER D 355 32.31 -0.18 14.49
C SER D 355 31.63 -1.43 15.02
N ILE D 356 31.91 -2.59 14.42
CA ILE D 356 31.33 -3.81 14.96
C ILE D 356 32.10 -4.27 16.20
N LYS D 357 33.38 -3.89 16.34
CA LYS D 357 34.16 -4.45 17.43
C LYS D 357 34.13 -3.64 18.72
N GLN D 358 33.56 -2.42 18.73
CA GLN D 358 33.28 -1.85 20.04
C GLN D 358 31.93 -2.31 20.60
N SER D 359 31.07 -2.90 19.78
CA SER D 359 29.73 -3.29 20.21
C SER D 359 29.77 -4.50 21.12
N MET D 360 28.74 -4.64 21.95
CA MET D 360 28.66 -5.74 22.91
C MET D 360 27.42 -6.60 22.77
N GLY D 361 26.35 -6.10 22.13
CA GLY D 361 25.15 -6.92 21.97
C GLY D 361 25.36 -8.08 21.03
N LEU D 362 26.15 -7.88 19.98
CA LEU D 362 26.47 -8.95 19.04
C LEU D 362 27.58 -9.81 19.64
N SER D 363 27.33 -11.12 19.71
CA SER D 363 28.22 -12.04 20.43
C SER D 363 29.45 -12.37 19.59
N ALA D 364 30.30 -13.23 20.13
CA ALA D 364 31.65 -13.42 19.59
C ALA D 364 31.65 -14.19 18.27
N ALA D 365 30.65 -15.04 18.05
CA ALA D 365 30.62 -15.85 16.83
C ALA D 365 30.35 -14.98 15.60
N GLN D 366 29.37 -14.08 15.69
CA GLN D 366 29.08 -13.19 14.58
C GLN D 366 30.17 -12.14 14.39
N LYS D 367 30.88 -11.78 15.48
CA LYS D 367 32.05 -10.92 15.37
C LYS D 367 33.11 -11.55 14.49
N ALA D 368 33.47 -12.81 14.79
CA ALA D 368 34.46 -13.52 13.98
C ALA D 368 33.94 -13.75 12.57
N LYS D 369 32.63 -13.96 12.44
CA LYS D 369 32.03 -14.18 11.10
C LYS D 369 32.20 -12.93 10.24
N VAL D 370 31.81 -11.76 10.76
CA VAL D 370 31.89 -10.54 9.97
C VAL D 370 33.35 -10.16 9.69
N LYS D 371 34.25 -10.45 10.66
CA LYS D 371 35.68 -10.30 10.42
C LYS D 371 36.14 -11.16 9.24
N HIS D 372 35.73 -12.44 9.24
CA HIS D 372 36.15 -13.36 8.20
C HIS D 372 35.58 -12.99 6.83
N SER D 373 34.32 -12.59 6.79
CA SER D 373 33.69 -12.25 5.50
C SER D 373 34.28 -10.98 4.89
N ALA D 374 34.44 -9.92 5.70
CA ALA D 374 34.97 -8.69 5.17
C ALA D 374 36.45 -8.82 4.83
N ILE D 375 37.21 -9.56 5.66
CA ILE D 375 38.61 -9.78 5.33
C ILE D 375 38.74 -10.68 4.11
N ALA D 376 37.77 -11.56 3.88
CA ALA D 376 37.82 -12.42 2.70
C ALA D 376 37.61 -11.62 1.43
N VAL D 377 36.62 -10.72 1.42
CA VAL D 377 36.37 -9.95 0.21
C VAL D 377 37.48 -8.94 -0.06
N VAL D 378 38.01 -8.29 1.00
CA VAL D 378 39.09 -7.33 0.77
C VAL D 378 40.39 -8.05 0.37
N VAL D 379 40.61 -9.25 0.92
CA VAL D 379 41.83 -9.99 0.60
C VAL D 379 41.78 -10.53 -0.83
N ILE D 380 40.63 -11.03 -1.28
CA ILE D 380 40.57 -11.53 -2.66
C ILE D 380 40.67 -10.37 -3.65
N PHE D 381 40.07 -9.21 -3.33
CA PHE D 381 40.20 -8.02 -4.17
C PHE D 381 41.66 -7.59 -4.29
N LEU D 382 42.37 -7.57 -3.15
CA LEU D 382 43.78 -7.18 -3.15
C LEU D 382 44.64 -8.18 -3.92
N VAL D 383 44.53 -9.48 -3.60
CA VAL D 383 45.46 -10.47 -4.14
C VAL D 383 45.19 -10.70 -5.63
N CYS D 384 44.01 -10.31 -6.12
CA CYS D 384 43.76 -10.50 -7.54
C CYS D 384 43.91 -9.23 -8.36
N PHE D 385 43.85 -8.04 -7.77
CA PHE D 385 44.01 -6.85 -8.58
C PHE D 385 45.31 -6.09 -8.36
N ALA D 386 45.90 -6.17 -7.16
CA ALA D 386 47.22 -5.58 -6.95
C ALA D 386 48.37 -6.18 -7.77
N PRO D 387 48.36 -7.46 -8.19
CA PRO D 387 49.33 -7.86 -9.23
C PRO D 387 49.20 -7.08 -10.52
N TYR D 388 47.97 -6.77 -10.95
CA TYR D 388 47.78 -5.92 -12.12
C TYR D 388 48.28 -4.50 -11.83
N HIS D 389 48.09 -4.03 -10.59
CA HIS D 389 48.62 -2.75 -10.17
C HIS D 389 50.13 -2.70 -10.30
N LEU D 390 50.81 -3.77 -9.86
CA LEU D 390 52.27 -3.74 -9.86
C LEU D 390 52.84 -3.87 -11.26
N VAL D 391 52.23 -4.69 -12.13
CA VAL D 391 52.76 -4.78 -13.50
C VAL D 391 52.51 -3.49 -14.27
N LEU D 392 51.34 -2.86 -14.07
CA LEU D 392 51.08 -1.59 -14.75
C LEU D 392 51.99 -0.48 -14.23
N LEU D 393 52.24 -0.47 -12.91
CA LEU D 393 53.13 0.54 -12.33
C LEU D 393 54.58 0.34 -12.78
N VAL D 394 55.04 -0.91 -12.86
CA VAL D 394 56.42 -1.13 -13.28
C VAL D 394 56.57 -0.85 -14.78
N LYS D 395 55.53 -1.09 -15.58
CA LYS D 395 55.57 -0.72 -17.00
C LYS D 395 55.65 0.79 -17.15
N ALA D 396 54.82 1.53 -16.39
CA ALA D 396 54.82 2.98 -16.46
C ALA D 396 56.13 3.58 -15.96
N ALA D 397 56.68 3.03 -14.88
CA ALA D 397 57.94 3.52 -14.35
C ALA D 397 59.10 3.23 -15.30
N ALA D 398 59.13 2.05 -15.90
CA ALA D 398 60.16 1.72 -16.87
C ALA D 398 60.08 2.61 -18.10
N PHE D 399 58.86 2.87 -18.59
CA PHE D 399 58.72 3.75 -19.74
C PHE D 399 59.10 5.19 -19.40
N SER D 400 58.73 5.66 -18.20
CA SER D 400 59.07 7.02 -17.79
C SER D 400 60.56 7.20 -17.59
N TYR D 401 61.24 6.16 -17.11
CA TYR D 401 62.69 6.22 -16.97
C TYR D 401 63.40 6.15 -18.31
N TYR D 402 62.96 5.24 -19.18
CA TYR D 402 63.67 4.95 -20.43
C TYR D 402 62.85 5.34 -21.65
N ARG D 403 62.22 6.52 -21.61
CA ARG D 403 61.71 7.17 -22.83
C ARG D 403 62.77 7.23 -23.92
N GLY D 404 63.98 7.65 -23.58
CA GLY D 404 65.08 7.69 -24.53
C GLY D 404 65.77 6.34 -24.66
N ALA D 408 68.40 -4.54 -22.02
CA ALA D 408 67.57 -5.69 -21.70
C ALA D 408 66.09 -5.32 -21.72
N MET D 409 65.79 -4.21 -22.39
CA MET D 409 64.43 -3.68 -22.44
C MET D 409 63.50 -4.64 -23.16
N CYS D 410 63.98 -5.27 -24.23
CA CYS D 410 63.16 -6.23 -24.98
C CYS D 410 62.83 -7.46 -24.12
N GLY D 411 63.81 -8.00 -23.40
CA GLY D 411 63.54 -9.15 -22.55
C GLY D 411 62.63 -8.82 -21.39
N LEU D 412 62.83 -7.63 -20.78
CA LEU D 412 61.93 -7.19 -19.72
C LEU D 412 60.51 -6.99 -20.23
N GLU D 413 60.36 -6.49 -21.47
CA GLU D 413 59.03 -6.30 -22.03
C GLU D 413 58.36 -7.62 -22.38
N GLU D 414 59.14 -8.62 -22.83
CA GLU D 414 58.55 -9.93 -23.13
C GLU D 414 58.09 -10.63 -21.85
N ARG D 415 58.93 -10.62 -20.82
CA ARG D 415 58.52 -11.22 -19.54
C ARG D 415 57.37 -10.43 -18.91
N LEU D 416 57.35 -9.11 -19.09
CA LEU D 416 56.23 -8.30 -18.63
C LEU D 416 54.95 -8.61 -19.40
N TYR D 417 55.06 -8.90 -20.70
CA TYR D 417 53.88 -9.28 -21.47
C TYR D 417 53.31 -10.60 -21.00
N THR D 418 54.17 -11.58 -20.73
CA THR D 418 53.72 -12.87 -20.20
C THR D 418 53.09 -12.71 -18.81
N ALA D 419 53.72 -11.90 -17.96
CA ALA D 419 53.16 -11.62 -16.64
C ALA D 419 51.82 -10.89 -16.75
N SER D 420 51.69 -9.99 -17.73
CA SER D 420 50.46 -9.23 -17.89
C SER D 420 49.32 -10.12 -18.37
N VAL D 421 49.58 -11.07 -19.27
CA VAL D 421 48.49 -11.91 -19.74
C VAL D 421 48.08 -12.93 -18.67
N VAL D 422 49.04 -13.47 -17.91
CA VAL D 422 48.62 -14.38 -16.83
C VAL D 422 47.93 -13.62 -15.70
N PHE D 423 48.31 -12.35 -15.49
CA PHE D 423 47.67 -11.56 -14.45
C PHE D 423 46.28 -11.11 -14.88
N LEU D 424 46.09 -10.88 -16.18
CA LEU D 424 44.76 -10.66 -16.73
C LEU D 424 43.88 -11.88 -16.56
N CYS D 425 44.46 -13.07 -16.75
CA CYS D 425 43.72 -14.31 -16.54
C CYS D 425 43.25 -14.44 -15.10
N LEU D 426 44.14 -14.17 -14.13
CA LEU D 426 43.71 -14.28 -12.73
C LEU D 426 42.74 -13.17 -12.33
N SER D 427 42.88 -11.97 -12.90
CA SER D 427 41.96 -10.88 -12.58
C SER D 427 40.56 -11.17 -13.09
N THR D 428 40.44 -11.72 -14.30
CA THR D 428 39.10 -12.09 -14.77
C THR D 428 38.60 -13.36 -14.08
N VAL D 429 39.48 -14.19 -13.54
CA VAL D 429 39.06 -15.29 -12.67
C VAL D 429 38.36 -14.73 -11.43
N ASN D 430 38.95 -13.70 -10.82
CA ASN D 430 38.30 -13.04 -9.69
C ASN D 430 37.02 -12.36 -10.09
N GLY D 431 37.00 -11.74 -11.28
CA GLY D 431 35.80 -11.07 -11.75
C GLY D 431 34.63 -12.02 -11.91
N VAL D 432 34.87 -13.18 -12.54
CA VAL D 432 33.82 -14.18 -12.67
C VAL D 432 33.54 -14.88 -11.35
N ALA D 433 34.47 -14.84 -10.39
CA ALA D 433 34.26 -15.51 -9.12
C ALA D 433 33.55 -14.64 -8.08
N ASP D 434 33.47 -13.33 -8.30
CA ASP D 434 32.81 -12.42 -7.35
C ASP D 434 31.35 -12.79 -7.01
N PRO D 435 30.47 -13.14 -7.96
CA PRO D 435 29.14 -13.61 -7.52
C PRO D 435 29.18 -14.95 -6.82
N ILE D 436 30.13 -15.83 -7.15
CA ILE D 436 30.23 -17.12 -6.49
C ILE D 436 30.68 -16.95 -5.04
N ILE D 437 31.67 -16.08 -4.81
CA ILE D 437 32.10 -15.79 -3.45
C ILE D 437 31.01 -15.05 -2.69
N TYR D 438 30.22 -14.22 -3.38
CA TYR D 438 29.08 -13.55 -2.74
C TYR D 438 28.02 -14.55 -2.29
N VAL D 439 27.71 -15.55 -3.11
CA VAL D 439 26.67 -16.50 -2.71
C VAL D 439 27.21 -17.57 -1.76
N LEU D 440 28.52 -17.81 -1.75
CA LEU D 440 29.09 -18.83 -0.89
C LEU D 440 29.49 -18.29 0.48
N ALA D 441 29.80 -17.00 0.59
CA ALA D 441 30.28 -16.45 1.85
C ALA D 441 29.16 -16.25 2.88
N THR D 442 27.95 -15.97 2.42
CA THR D 442 26.86 -15.54 3.28
C THR D 442 25.81 -16.64 3.38
N ASP D 443 25.32 -16.87 4.60
CA ASP D 443 24.46 -18.02 4.89
C ASP D 443 23.01 -17.80 4.45
N HIS D 444 22.54 -16.55 4.47
CA HIS D 444 21.19 -16.26 3.98
C HIS D 444 21.09 -16.59 2.49
N SER D 445 22.10 -16.22 1.72
CA SER D 445 22.18 -16.65 0.33
C SER D 445 22.42 -18.15 0.20
N ARG D 446 22.94 -18.82 1.24
CA ARG D 446 23.08 -20.27 1.18
C ARG D 446 21.71 -20.95 1.22
N GLN D 447 20.85 -20.57 2.17
CA GLN D 447 19.51 -21.16 2.14
C GLN D 447 18.68 -20.64 0.96
N GLU D 448 18.97 -19.43 0.49
CA GLU D 448 18.26 -18.89 -0.66
C GLU D 448 18.62 -19.63 -1.94
N VAL D 449 19.91 -19.93 -2.15
CA VAL D 449 20.31 -20.74 -3.28
C VAL D 449 19.90 -22.20 -3.09
N SER D 450 19.68 -22.64 -1.84
CA SER D 450 19.11 -23.97 -1.62
C SER D 450 17.68 -24.06 -2.12
N ARG D 451 16.84 -23.08 -1.79
CA ARG D 451 15.46 -23.15 -2.28
C ARG D 451 15.39 -22.86 -3.78
N ILE D 452 16.33 -22.08 -4.33
CA ILE D 452 16.43 -21.93 -5.78
C ILE D 452 16.83 -23.25 -6.43
N HIS D 453 17.69 -24.03 -5.77
CA HIS D 453 18.04 -25.36 -6.24
C HIS D 453 16.83 -26.29 -6.23
N LYS D 454 15.98 -26.20 -5.21
CA LYS D 454 14.74 -26.99 -5.19
C LYS D 454 13.81 -26.57 -6.33
N GLY D 455 13.73 -25.26 -6.60
CA GLY D 455 12.93 -24.80 -7.72
C GLY D 455 13.45 -25.27 -9.08
N TRP D 456 14.77 -25.29 -9.24
CA TRP D 456 15.36 -25.81 -10.48
C TRP D 456 15.14 -27.30 -10.61
N LYS D 457 15.20 -28.04 -9.50
CA LYS D 457 14.94 -29.48 -9.54
C LYS D 457 13.49 -29.78 -9.90
N GLU D 458 12.55 -29.00 -9.37
CA GLU D 458 11.15 -29.23 -9.73
C GLU D 458 10.84 -28.74 -11.15
N TRP D 459 11.61 -27.78 -11.66
CA TRP D 459 11.48 -27.41 -13.07
C TRP D 459 12.23 -28.36 -14.00
N SER D 460 13.10 -29.22 -13.47
CA SER D 460 13.76 -30.22 -14.28
C SER D 460 13.03 -31.56 -14.28
N MET D 461 12.31 -31.88 -13.20
CA MET D 461 11.58 -33.14 -13.02
C MET D 461 12.49 -34.37 -13.22
N LYS D 462 13.46 -34.50 -12.31
CA LYS D 462 14.24 -35.72 -12.22
C LYS D 462 13.93 -36.53 -10.97
N THR D 463 13.02 -36.04 -10.12
CA THR D 463 12.59 -36.80 -8.95
C THR D 463 11.57 -37.86 -9.33
N ASP D 464 10.43 -37.42 -9.87
CA ASP D 464 9.38 -38.28 -10.44
C ASP D 464 8.81 -39.27 -9.42
N VAL D 465 8.69 -38.82 -8.17
CA VAL D 465 8.29 -39.72 -7.09
C VAL D 465 6.83 -40.14 -7.22
N THR D 466 5.94 -39.20 -7.56
CA THR D 466 4.53 -39.53 -7.68
C THR D 466 4.24 -40.39 -8.91
N ARG D 467 4.95 -40.13 -10.01
CA ARG D 467 4.81 -40.97 -11.19
C ARG D 467 5.42 -42.36 -10.96
N LEU D 468 6.47 -42.45 -10.15
CA LEU D 468 7.02 -43.75 -9.78
C LEU D 468 6.04 -44.54 -8.92
N THR D 469 5.38 -43.87 -7.97
CA THR D 469 4.37 -44.55 -7.15
C THR D 469 3.19 -45.01 -7.99
N HIS D 470 2.77 -44.18 -8.96
CA HIS D 470 1.72 -44.58 -9.89
C HIS D 470 2.14 -45.78 -10.73
N SER D 471 3.42 -45.80 -11.15
CA SER D 471 3.92 -46.92 -11.94
C SER D 471 3.98 -48.21 -11.13
N ARG D 472 4.41 -48.14 -9.87
CA ARG D 472 4.47 -49.35 -9.05
C ARG D 472 3.07 -49.82 -8.64
N ASP D 473 2.12 -48.88 -8.52
CA ASP D 473 0.74 -49.27 -8.27
C ASP D 473 0.11 -49.90 -9.51
N THR D 474 0.53 -49.46 -10.70
CA THR D 474 -0.08 -49.96 -11.94
C THR D 474 0.32 -51.39 -12.23
N GLU D 475 1.61 -51.72 -12.09
CA GLU D 475 2.09 -53.05 -12.45
C GLU D 475 1.67 -54.10 -11.44
N GLU D 476 1.58 -53.72 -10.16
CA GLU D 476 1.18 -54.66 -9.11
C GLU D 476 -0.31 -54.99 -9.20
N LEU E 5 -9.36 11.69 -22.21
CA LEU E 5 -8.47 12.62 -22.90
C LEU E 5 -9.19 13.94 -23.22
N SER E 6 -9.53 14.67 -22.17
CA SER E 6 -10.07 16.02 -22.28
C SER E 6 -9.43 16.87 -21.20
N ALA E 7 -9.92 18.10 -21.04
CA ALA E 7 -9.41 18.97 -19.98
C ALA E 7 -9.74 18.41 -18.60
N GLU E 8 -10.94 17.85 -18.45
CA GLU E 8 -11.34 17.24 -17.18
C GLU E 8 -10.49 16.03 -16.85
N ASP E 9 -10.21 15.19 -17.86
CA ASP E 9 -9.35 14.02 -17.65
C ASP E 9 -7.91 14.42 -17.34
N LYS E 10 -7.41 15.44 -18.04
CA LYS E 10 -6.05 15.94 -17.78
C LYS E 10 -5.92 16.50 -16.37
N ALA E 11 -6.93 17.26 -15.92
CA ALA E 11 -6.91 17.79 -14.57
C ALA E 11 -7.10 16.70 -13.52
N ALA E 12 -7.82 15.63 -13.86
CA ALA E 12 -7.91 14.48 -12.97
C ALA E 12 -6.55 13.79 -12.82
N VAL E 13 -5.81 13.67 -13.94
CA VAL E 13 -4.45 13.11 -13.89
C VAL E 13 -3.54 14.00 -13.05
N GLU E 14 -3.68 15.32 -13.22
CA GLU E 14 -3.00 16.32 -12.39
C GLU E 14 -3.26 16.11 -10.90
N ARG E 15 -4.53 15.99 -10.52
CA ARG E 15 -4.88 15.84 -9.11
C ARG E 15 -4.41 14.49 -8.57
N SER E 16 -4.44 13.45 -9.41
CA SER E 16 -3.91 12.14 -9.01
C SER E 16 -2.42 12.21 -8.74
N LYS E 17 -1.67 12.90 -9.60
CA LYS E 17 -0.24 13.08 -9.37
C LYS E 17 0.03 13.88 -8.10
N MET E 18 -0.80 14.90 -7.85
CA MET E 18 -0.66 15.71 -6.64
C MET E 18 -0.87 14.88 -5.37
N ILE E 19 -1.93 14.06 -5.36
CA ILE E 19 -2.22 13.24 -4.19
C ILE E 19 -1.15 12.16 -4.02
N ASP E 20 -0.63 11.61 -5.12
CA ASP E 20 0.45 10.63 -5.02
C ASP E 20 1.72 11.25 -4.44
N ARG E 21 2.06 12.47 -4.85
CA ARG E 21 3.24 13.14 -4.30
C ARG E 21 3.07 13.43 -2.82
N ASN E 22 1.88 13.90 -2.42
CA ASN E 22 1.61 14.15 -1.00
C ASN E 22 1.67 12.86 -0.19
N LEU E 23 1.14 11.76 -0.74
CA LEU E 23 1.15 10.48 -0.03
C LEU E 23 2.57 9.95 0.11
N ARG E 24 3.40 10.10 -0.92
CA ARG E 24 4.79 9.65 -0.84
C ARG E 24 5.57 10.44 0.20
N GLU E 25 5.37 11.76 0.24
CA GLU E 25 6.02 12.58 1.26
C GLU E 25 5.57 12.20 2.67
N ASP E 26 4.26 11.95 2.84
CA ASP E 26 3.74 11.57 4.15
C ASP E 26 4.27 10.22 4.60
N GLY E 27 4.39 9.27 3.67
CA GLY E 27 4.94 7.96 4.01
C GLY E 27 6.41 8.03 4.38
N GLU E 28 7.18 8.84 3.65
CA GLU E 28 8.60 9.01 4.00
C GLU E 28 8.77 9.70 5.33
N LYS E 29 7.88 10.64 5.66
CA LYS E 29 7.92 11.27 6.99
C LYS E 29 7.53 10.28 8.08
N ALA E 30 6.56 9.41 7.81
CA ALA E 30 6.09 8.48 8.83
C ALA E 30 7.04 7.31 9.06
N ALA E 31 7.85 6.95 8.06
CA ALA E 31 8.69 5.76 8.17
C ALA E 31 9.84 5.91 9.18
N ARG E 32 10.22 7.14 9.51
CA ARG E 32 11.33 7.35 10.43
C ARG E 32 10.98 6.96 11.87
N GLU E 33 9.70 7.02 12.23
CA GLU E 33 9.29 6.79 13.61
C GLU E 33 9.49 5.34 14.02
N VAL E 34 9.92 5.14 15.26
CA VAL E 34 10.14 3.81 15.81
C VAL E 34 8.87 3.38 16.53
N LYS E 35 8.39 2.18 16.23
CA LYS E 35 7.17 1.65 16.82
C LYS E 35 7.52 0.70 17.96
N LEU E 36 6.90 0.93 19.12
CA LEU E 36 7.14 0.12 20.32
C LEU E 36 5.81 -0.37 20.86
N LEU E 37 5.78 -1.63 21.30
CA LEU E 37 4.56 -2.26 21.81
C LEU E 37 4.74 -2.46 23.31
N LEU E 38 3.87 -1.84 24.11
CA LEU E 38 3.86 -2.05 25.54
C LEU E 38 2.76 -3.04 25.90
N LEU E 39 3.13 -4.08 26.63
CA LEU E 39 2.20 -5.10 27.10
C LEU E 39 2.18 -5.15 28.62
N GLY E 40 2.12 -3.97 29.24
CA GLY E 40 2.11 -3.90 30.69
C GLY E 40 0.79 -4.38 31.25
N ALA E 41 0.86 -5.31 32.20
CA ALA E 41 -0.34 -5.90 32.79
C ALA E 41 -0.89 -4.97 33.86
N GLY E 42 -1.86 -5.47 34.64
CA GLY E 42 -2.42 -4.71 35.73
C GLY E 42 -1.42 -4.47 36.85
N GLU E 43 -1.29 -3.20 37.26
CA GLU E 43 -0.35 -2.75 38.29
C GLU E 43 1.08 -3.13 37.95
N SER E 44 1.44 -3.01 36.67
CA SER E 44 2.76 -3.33 36.18
C SER E 44 3.67 -2.12 36.10
N GLY E 45 3.24 -0.98 36.65
CA GLY E 45 4.04 0.22 36.55
C GLY E 45 4.00 0.89 35.20
N LYS E 46 2.85 0.85 34.52
CA LYS E 46 2.67 1.61 33.29
C LYS E 46 2.77 3.11 33.57
N SER E 47 2.21 3.54 34.70
CA SER E 47 2.39 4.92 35.15
C SER E 47 3.85 5.24 35.39
N THR E 48 4.61 4.28 35.96
CA THR E 48 6.03 4.50 36.22
C THR E 48 6.81 4.64 34.93
N ILE E 49 6.55 3.79 33.94
CA ILE E 49 7.33 3.87 32.70
C ILE E 49 6.96 5.12 31.90
N VAL E 50 5.68 5.52 31.90
CA VAL E 50 5.33 6.74 31.18
C VAL E 50 5.78 7.99 31.93
N LYS E 51 5.96 7.90 33.25
CA LYS E 51 6.51 9.03 33.98
C LYS E 51 8.03 9.06 33.98
N GLN E 52 8.68 7.97 33.60
CA GLN E 52 10.13 7.96 33.50
C GLN E 52 10.64 8.26 32.10
N MET E 53 9.88 7.97 31.04
CA MET E 53 10.38 8.39 29.74
C MET E 53 10.07 9.86 29.45
N LYS E 54 9.29 10.50 30.32
CA LYS E 54 8.95 11.90 30.14
C LYS E 54 9.84 12.70 31.05
N THR E 182 -11.21 5.91 25.10
CA THR E 182 -11.41 4.73 25.94
C THR E 182 -10.69 3.53 25.37
N GLY E 183 -10.21 3.65 24.13
CA GLY E 183 -9.47 2.59 23.49
C GLY E 183 -8.01 2.58 23.88
N ILE E 184 -7.13 2.39 22.89
CA ILE E 184 -5.70 2.41 23.16
C ILE E 184 -5.25 3.84 23.42
N VAL E 185 -4.18 3.97 24.21
CA VAL E 185 -3.61 5.28 24.54
C VAL E 185 -2.27 5.38 23.81
N GLU E 186 -2.13 6.42 23.00
CA GLU E 186 -0.94 6.63 22.19
C GLU E 186 -0.11 7.76 22.79
N THR E 187 1.18 7.51 22.99
CA THR E 187 2.11 8.51 23.50
C THR E 187 3.30 8.62 22.56
N HIS E 188 3.91 9.81 22.55
CA HIS E 188 5.03 10.09 21.67
C HIS E 188 6.09 10.86 22.45
N PHE E 189 7.34 10.41 22.37
CA PHE E 189 8.45 11.10 23.02
C PHE E 189 9.68 11.03 22.12
N THR E 190 10.61 11.94 22.38
CA THR E 190 11.81 12.09 21.56
C THR E 190 13.04 11.83 22.40
N PHE E 191 13.93 10.97 21.91
CA PHE E 191 15.21 10.69 22.54
C PHE E 191 16.30 10.96 21.52
N LYS E 192 17.13 11.99 21.80
CA LYS E 192 18.24 12.45 20.96
C LYS E 192 17.69 12.81 19.59
N ASP E 193 18.14 12.18 18.50
CA ASP E 193 17.67 12.49 17.16
C ASP E 193 16.62 11.51 16.67
N LEU E 194 16.17 10.58 17.50
CA LEU E 194 15.27 9.51 17.09
C LEU E 194 13.90 9.68 17.72
N HIS E 195 12.87 9.60 16.89
CA HIS E 195 11.50 9.65 17.36
C HIS E 195 11.08 8.29 17.93
N PHE E 196 10.18 8.31 18.89
CA PHE E 196 9.63 7.11 19.50
C PHE E 196 8.12 7.21 19.55
N LYS E 197 7.45 6.20 19.00
CA LYS E 197 5.99 6.16 18.91
C LYS E 197 5.50 4.88 19.55
N MET E 198 5.00 4.99 20.78
CA MET E 198 4.51 3.84 21.54
C MET E 198 3.00 3.92 21.70
N PHE E 199 2.35 2.75 21.58
CA PHE E 199 0.87 2.66 21.71
C PHE E 199 0.55 1.73 22.88
N ASP E 200 0.00 2.28 23.96
CA ASP E 200 -0.32 1.52 25.16
C ASP E 200 -1.64 0.78 24.97
N VAL E 201 -1.58 -0.54 24.94
CA VAL E 201 -2.78 -1.37 24.84
C VAL E 201 -3.21 -1.67 26.27
N GLY E 202 -4.16 -0.91 26.77
CA GLY E 202 -4.66 -1.08 28.13
C GLY E 202 -6.17 -1.08 28.16
N ALA E 203 -6.72 -1.99 28.97
CA ALA E 203 -8.16 -2.19 29.15
C ALA E 203 -8.86 -2.49 27.82
N GLN E 204 -8.22 -3.31 26.98
CA GLN E 204 -8.84 -3.72 25.73
C GLN E 204 -10.05 -4.60 25.96
N ARG E 205 -9.92 -5.58 26.88
CA ARG E 205 -10.99 -6.50 27.30
C ARG E 205 -11.59 -7.25 26.12
N SER E 206 -10.71 -7.76 25.26
CA SER E 206 -11.14 -8.47 24.05
C SER E 206 -10.19 -9.63 23.81
N GLU E 207 -10.57 -10.47 22.85
CA GLU E 207 -9.71 -11.58 22.45
C GLU E 207 -8.47 -11.04 21.76
N ARG E 208 -7.30 -11.47 22.24
CA ARG E 208 -6.04 -10.88 21.80
C ARG E 208 -5.69 -11.25 20.36
N LYS E 209 -6.12 -12.44 19.92
CA LYS E 209 -5.69 -12.97 18.63
C LYS E 209 -6.24 -12.16 17.45
N LYS E 210 -7.39 -11.50 17.64
CA LYS E 210 -8.01 -10.76 16.54
C LYS E 210 -7.22 -9.51 16.17
N TRP E 211 -6.54 -8.89 17.12
CA TRP E 211 -5.85 -7.63 16.88
C TRP E 211 -4.34 -7.68 17.15
N ILE E 212 -3.78 -8.83 17.50
CA ILE E 212 -2.35 -8.91 17.75
C ILE E 212 -1.57 -8.80 16.44
N HIS E 213 -2.15 -9.26 15.33
CA HIS E 213 -1.49 -9.18 14.03
C HIS E 213 -1.40 -7.76 13.50
N CYS E 214 -2.13 -6.82 14.10
CA CYS E 214 -2.02 -5.42 13.73
C CYS E 214 -0.67 -4.81 14.10
N PHE E 215 0.03 -5.42 15.07
CA PHE E 215 1.32 -4.92 15.54
C PHE E 215 2.48 -5.78 15.04
N GLU E 216 2.34 -6.40 13.86
CA GLU E 216 3.41 -7.24 13.33
C GLU E 216 4.64 -6.42 12.96
N GLY E 217 4.43 -5.23 12.39
CA GLY E 217 5.55 -4.40 11.97
C GLY E 217 6.24 -3.68 13.10
N VAL E 218 5.73 -3.79 14.33
CA VAL E 218 6.34 -3.13 15.48
C VAL E 218 7.68 -3.79 15.80
N THR E 219 8.72 -2.98 15.99
CA THR E 219 10.08 -3.48 16.13
C THR E 219 10.28 -4.20 17.46
N ALA E 220 9.76 -3.64 18.56
CA ALA E 220 10.06 -4.14 19.89
C ALA E 220 8.79 -4.29 20.71
N ILE E 221 8.80 -5.29 21.59
CA ILE E 221 7.71 -5.54 22.53
C ILE E 221 8.25 -5.35 23.94
N ILE E 222 7.64 -4.43 24.68
CA ILE E 222 8.06 -4.11 26.04
C ILE E 222 7.11 -4.77 27.02
N PHE E 223 7.67 -5.50 27.99
CA PHE E 223 6.90 -6.22 29.00
C PHE E 223 7.22 -5.64 30.37
N CYS E 224 6.19 -5.37 31.15
CA CYS E 224 6.33 -4.87 32.51
C CYS E 224 5.68 -5.85 33.47
N VAL E 225 6.43 -6.24 34.51
CA VAL E 225 5.99 -7.26 35.46
C VAL E 225 6.37 -6.82 36.87
N ALA E 226 5.41 -6.85 37.78
CA ALA E 226 5.69 -6.58 39.19
C ALA E 226 6.28 -7.83 39.85
N LEU E 227 7.17 -7.60 40.81
CA LEU E 227 7.89 -8.70 41.47
C LEU E 227 7.42 -8.98 42.88
N SER E 228 6.88 -7.98 43.59
CA SER E 228 6.48 -8.14 44.98
C SER E 228 5.05 -8.65 45.13
N ASP E 229 4.42 -9.06 44.04
CA ASP E 229 3.05 -9.57 44.07
C ASP E 229 3.00 -11.09 43.97
N TYR E 230 4.02 -11.76 44.50
CA TYR E 230 4.03 -13.22 44.53
C TYR E 230 3.23 -13.80 45.69
N ASP E 231 2.72 -12.95 46.59
CA ASP E 231 1.88 -13.36 47.70
C ASP E 231 0.40 -13.14 47.40
N LEU E 232 0.05 -12.99 46.13
CA LEU E 232 -1.32 -12.62 45.75
C LEU E 232 -1.86 -13.62 44.76
N VAL E 233 -3.07 -14.12 45.04
CA VAL E 233 -3.75 -15.10 44.21
C VAL E 233 -5.15 -14.56 43.90
N LEU E 234 -5.60 -14.76 42.66
CA LEU E 234 -6.93 -14.34 42.23
C LEU E 234 -8.03 -15.06 43.02
N MET E 240 -3.62 -19.80 41.64
CA MET E 240 -3.77 -18.87 40.53
C MET E 240 -3.07 -17.55 40.83
N ASN E 241 -1.78 -17.64 41.16
CA ASN E 241 -1.00 -16.45 41.44
C ASN E 241 -0.82 -15.61 40.19
N ARG E 242 -0.71 -14.30 40.39
CA ARG E 242 -0.52 -13.37 39.24
C ARG E 242 0.80 -13.73 38.54
N MET E 243 1.83 -14.08 39.32
CA MET E 243 3.15 -14.36 38.74
C MET E 243 3.07 -15.50 37.73
N HIS E 244 2.40 -16.61 38.10
CA HIS E 244 2.34 -17.77 37.24
C HIS E 244 1.54 -17.52 35.96
N GLU E 245 0.43 -16.80 36.09
CA GLU E 245 -0.37 -16.47 34.92
C GLU E 245 0.30 -15.42 34.05
N SER E 246 1.25 -14.65 34.60
CA SER E 246 2.00 -13.69 33.80
C SER E 246 2.96 -14.40 32.83
N MET E 247 3.47 -15.57 33.25
CA MET E 247 4.39 -16.36 32.40
C MET E 247 3.59 -16.97 31.24
N LYS E 248 2.32 -17.29 31.46
CA LYS E 248 1.47 -17.87 30.41
C LYS E 248 1.16 -16.84 29.33
N LEU E 249 1.01 -15.58 29.72
CA LEU E 249 0.91 -14.51 28.72
C LEU E 249 2.21 -14.39 27.95
N PHE E 250 3.35 -14.52 28.64
CA PHE E 250 4.64 -14.43 27.96
C PHE E 250 4.92 -15.67 27.12
N ASP E 251 4.53 -16.85 27.62
CA ASP E 251 4.72 -18.09 26.86
C ASP E 251 3.90 -18.06 25.57
N SER E 252 2.67 -17.55 25.65
CA SER E 252 1.82 -17.47 24.47
C SER E 252 2.35 -16.46 23.46
N ILE E 253 2.78 -15.28 23.93
CA ILE E 253 3.20 -14.24 23.01
C ILE E 253 4.56 -14.56 22.40
N CYS E 254 5.39 -15.35 23.08
CA CYS E 254 6.69 -15.71 22.53
C CYS E 254 6.57 -16.78 21.45
N ASN E 255 5.66 -17.72 21.62
CA ASN E 255 5.56 -18.88 20.76
C ASN E 255 4.62 -18.67 19.57
N ASN E 256 4.09 -17.46 19.37
CA ASN E 256 3.16 -17.21 18.29
C ASN E 256 3.89 -17.22 16.93
N LYS E 257 3.09 -17.31 15.87
CA LYS E 257 3.62 -17.39 14.51
C LYS E 257 3.88 -16.03 13.88
N TRP E 258 3.24 -14.98 14.38
CA TRP E 258 3.55 -13.64 13.88
C TRP E 258 4.88 -13.14 14.41
N PHE E 259 5.14 -13.39 15.69
CA PHE E 259 6.36 -12.91 16.34
C PHE E 259 7.45 -13.99 16.35
N THR E 260 7.81 -14.43 15.15
CA THR E 260 8.95 -15.36 15.02
C THR E 260 10.26 -14.67 15.35
N ASP E 261 10.49 -13.49 14.77
CA ASP E 261 11.72 -12.72 14.99
C ASP E 261 11.34 -11.28 15.32
N THR E 262 11.02 -11.03 16.59
CA THR E 262 10.80 -9.68 17.11
C THR E 262 11.48 -9.62 18.47
N SER E 263 12.37 -8.65 18.65
CA SER E 263 13.15 -8.58 19.89
C SER E 263 12.25 -8.25 21.08
N ILE E 264 12.40 -9.03 22.15
CA ILE E 264 11.55 -8.95 23.32
C ILE E 264 12.34 -8.30 24.45
N ILE E 265 11.78 -7.24 25.02
CA ILE E 265 12.34 -6.58 26.19
C ILE E 265 11.35 -6.72 27.33
N LEU E 266 11.83 -7.13 28.49
CA LEU E 266 10.99 -7.22 29.68
C LEU E 266 11.61 -6.41 30.80
N PHE E 267 10.75 -5.73 31.56
CA PHE E 267 11.15 -4.91 32.69
C PHE E 267 10.68 -5.57 33.98
N LEU E 268 10.96 -4.90 35.10
CA LEU E 268 10.54 -5.37 36.42
C LEU E 268 9.86 -4.23 37.16
N ASN E 269 9.31 -4.54 38.32
CA ASN E 269 8.66 -3.55 39.17
C ASN E 269 8.58 -4.09 40.58
N LYS E 270 8.58 -3.17 41.56
CA LYS E 270 8.41 -3.44 42.99
C LYS E 270 9.46 -4.40 43.52
N LYS E 271 10.69 -4.32 42.99
CA LYS E 271 11.74 -5.24 43.38
C LYS E 271 12.24 -4.97 44.80
N ASP E 272 12.19 -3.71 45.24
CA ASP E 272 12.63 -3.39 46.59
C ASP E 272 11.64 -3.91 47.63
N LEU E 273 10.35 -3.91 47.31
CA LEU E 273 9.36 -4.52 48.19
C LEU E 273 9.49 -6.04 48.19
N PHE E 274 9.86 -6.61 47.04
CA PHE E 274 10.07 -8.06 46.96
C PHE E 274 11.26 -8.48 47.80
N GLU E 275 12.33 -7.67 47.80
CA GLU E 275 13.48 -7.94 48.65
C GLU E 275 13.13 -7.82 50.12
N GLU E 276 12.30 -6.84 50.46
CA GLU E 276 11.96 -6.58 51.86
C GLU E 276 11.06 -7.67 52.43
N LYS E 277 10.08 -8.14 51.64
CA LYS E 277 9.07 -9.04 52.16
C LYS E 277 9.53 -10.49 52.18
N ILE E 278 10.35 -10.90 51.22
CA ILE E 278 10.78 -12.29 51.10
C ILE E 278 11.68 -12.68 52.26
N LEU E 283 9.36 -16.69 49.86
CA LEU E 283 9.80 -17.58 48.80
C LEU E 283 8.84 -18.76 48.65
N THR E 284 8.46 -19.34 49.80
CA THR E 284 7.64 -20.54 49.81
C THR E 284 6.20 -20.30 49.37
N ILE E 285 5.76 -19.04 49.31
CA ILE E 285 4.38 -18.74 48.93
C ILE E 285 4.16 -19.04 47.45
N CYS E 286 5.07 -18.59 46.59
CA CYS E 286 4.89 -18.72 45.15
C CYS E 286 5.83 -19.74 44.50
N TYR E 287 7.07 -19.84 44.95
CA TYR E 287 8.04 -20.76 44.36
C TYR E 287 8.70 -21.60 45.45
N PRO E 288 7.99 -22.61 45.97
CA PRO E 288 8.62 -23.53 46.93
C PRO E 288 9.59 -24.50 46.27
N GLU E 289 9.52 -24.65 44.94
CA GLU E 289 10.37 -25.61 44.24
C GLU E 289 11.83 -25.16 44.15
N TYR E 290 12.10 -23.87 44.36
CA TYR E 290 13.48 -23.39 44.36
C TYR E 290 14.26 -23.99 45.53
N ALA E 291 13.67 -23.94 46.74
CA ALA E 291 14.19 -24.55 47.96
C ALA E 291 15.62 -24.10 48.26
N GLY E 292 15.85 -22.80 48.13
CA GLY E 292 17.19 -22.27 48.30
C GLY E 292 17.27 -21.00 49.12
N SER E 293 18.09 -20.06 48.67
CA SER E 293 18.40 -18.87 49.44
C SER E 293 17.25 -17.87 49.39
N ASN E 294 16.95 -17.28 50.55
CA ASN E 294 15.97 -16.21 50.66
C ASN E 294 16.55 -14.85 50.28
N THR E 295 17.85 -14.78 49.97
CA THR E 295 18.51 -13.55 49.59
C THR E 295 17.92 -12.99 48.30
N TYR E 296 17.92 -11.66 48.20
CA TYR E 296 17.20 -10.97 47.13
C TYR E 296 17.84 -11.22 45.77
N GLU E 297 19.16 -11.10 45.68
CA GLU E 297 19.84 -11.16 44.39
C GLU E 297 19.76 -12.55 43.77
N GLU E 298 19.89 -13.59 44.59
CA GLU E 298 19.77 -14.96 44.08
C GLU E 298 18.32 -15.28 43.74
N ALA E 299 17.38 -14.75 44.51
CA ALA E 299 15.96 -14.95 44.20
C ALA E 299 15.57 -14.20 42.93
N ALA E 300 16.05 -12.97 42.77
CA ALA E 300 15.74 -12.19 41.57
C ALA E 300 16.36 -12.82 40.33
N ALA E 301 17.54 -13.42 40.48
CA ALA E 301 18.16 -14.15 39.38
C ALA E 301 17.36 -15.39 39.02
N TYR E 302 16.76 -16.04 40.02
CA TYR E 302 15.94 -17.22 39.78
C TYR E 302 14.68 -16.86 38.99
N ILE E 303 14.00 -15.77 39.38
CA ILE E 303 12.77 -15.38 38.70
C ILE E 303 13.06 -14.90 37.28
N GLN E 304 14.14 -14.13 37.10
CA GLN E 304 14.52 -13.65 35.78
C GLN E 304 14.92 -14.81 34.86
N CYS E 305 15.53 -15.86 35.43
CA CYS E 305 15.94 -17.01 34.62
C CYS E 305 14.73 -17.77 34.08
N GLN E 306 13.66 -17.86 34.88
CA GLN E 306 12.48 -18.61 34.46
C GLN E 306 11.77 -17.94 33.28
N PHE E 307 11.75 -16.60 33.26
CA PHE E 307 11.12 -15.89 32.15
C PHE E 307 11.96 -15.94 30.88
N GLU E 308 13.29 -15.99 31.02
CA GLU E 308 14.17 -16.05 29.86
C GLU E 308 14.01 -17.33 29.06
N ASP E 309 13.54 -18.40 29.69
CA ASP E 309 13.41 -19.72 29.07
C ASP E 309 11.98 -20.22 29.17
N LEU E 310 11.02 -19.38 28.81
CA LEU E 310 9.61 -19.83 28.79
C LEU E 310 9.46 -20.90 27.71
N ASN E 311 9.98 -20.62 26.51
CA ASN E 311 9.96 -21.61 25.44
C ASN E 311 11.17 -21.37 24.54
N LYS E 312 11.35 -22.27 23.57
CA LYS E 312 12.49 -22.26 22.68
C LYS E 312 12.31 -21.33 21.47
N ARG E 313 11.18 -20.62 21.39
CA ARG E 313 11.06 -19.58 20.37
C ARG E 313 11.97 -18.40 20.64
N LYS E 314 12.40 -18.22 21.89
CA LYS E 314 13.37 -17.19 22.25
C LYS E 314 14.78 -17.51 21.77
N ASP E 315 15.02 -18.71 21.24
CA ASP E 315 16.32 -19.03 20.67
C ASP E 315 16.56 -18.28 19.37
N THR E 316 15.57 -18.31 18.46
CA THR E 316 15.67 -17.52 17.23
C THR E 316 15.50 -16.04 17.52
N LYS E 317 14.77 -15.69 18.57
CA LYS E 317 14.60 -14.30 18.98
C LYS E 317 15.71 -13.92 19.95
N GLU E 318 15.60 -12.74 20.56
CA GLU E 318 16.59 -12.25 21.52
C GLU E 318 15.85 -11.54 22.65
N ILE E 319 15.87 -12.13 23.84
CA ILE E 319 15.29 -11.51 25.02
C ILE E 319 16.30 -10.53 25.61
N TYR E 320 15.80 -9.38 26.07
CA TYR E 320 16.63 -8.32 26.66
C TYR E 320 16.07 -7.99 28.04
N THR E 321 16.48 -8.74 29.04
CA THR E 321 16.02 -8.47 30.39
C THR E 321 16.82 -7.32 31.01
N HIS E 322 16.19 -6.63 31.95
CA HIS E 322 16.84 -5.54 32.67
C HIS E 322 16.26 -5.48 34.07
N PHE E 323 17.13 -5.43 35.07
CA PHE E 323 16.69 -5.27 36.45
C PHE E 323 16.21 -3.83 36.62
N THR E 324 14.89 -3.64 36.60
CA THR E 324 14.32 -2.31 36.68
C THR E 324 14.22 -1.92 38.15
N CYS E 325 15.03 -0.95 38.56
CA CYS E 325 15.02 -0.49 39.94
C CYS E 325 13.80 0.37 40.27
N SER E 326 13.07 0.83 39.26
CA SER E 326 11.94 1.76 39.30
C SER E 326 12.33 3.14 39.81
N THR E 327 13.62 3.41 39.97
CA THR E 327 14.14 4.70 40.38
C THR E 327 15.34 5.06 39.51
N ASP E 328 15.82 4.12 38.69
CA ASP E 328 16.92 4.35 37.76
C ASP E 328 16.59 5.46 36.78
N THR E 329 17.61 6.25 36.43
CA THR E 329 17.42 7.55 35.80
C THR E 329 16.79 7.42 34.42
N LYS E 330 17.48 6.73 33.51
CA LYS E 330 16.95 6.49 32.17
C LYS E 330 17.04 4.99 31.91
N ASN E 331 15.93 4.29 32.12
CA ASN E 331 15.82 2.90 31.68
C ASN E 331 15.42 2.80 30.22
N VAL E 332 15.18 3.94 29.55
CA VAL E 332 15.09 3.98 28.10
C VAL E 332 16.47 3.80 27.47
N GLN E 333 17.54 4.03 28.26
CA GLN E 333 18.90 3.71 27.82
C GLN E 333 19.04 2.21 27.56
N PHE E 334 18.38 1.38 28.36
CA PHE E 334 18.25 -0.03 28.02
C PHE E 334 17.51 -0.21 26.70
N VAL E 335 16.43 0.54 26.50
CA VAL E 335 15.63 0.40 25.30
C VAL E 335 16.37 0.96 24.09
N PHE E 336 17.03 2.11 24.25
CA PHE E 336 17.72 2.73 23.12
C PHE E 336 18.91 1.90 22.67
N ASP E 337 19.67 1.34 23.63
CA ASP E 337 20.77 0.45 23.27
C ASP E 337 20.26 -0.87 22.72
N ALA E 338 19.09 -1.33 23.17
CA ALA E 338 18.51 -2.54 22.59
C ALA E 338 17.96 -2.28 21.19
N VAL E 339 17.24 -1.17 21.01
CA VAL E 339 16.57 -0.93 19.73
C VAL E 339 17.58 -0.61 18.64
N THR E 340 18.75 -0.06 19.00
CA THR E 340 19.78 0.06 17.99
C THR E 340 20.44 -1.29 17.72
N ASP E 341 20.51 -2.16 18.74
CA ASP E 341 21.07 -3.50 18.55
C ASP E 341 20.18 -4.35 17.65
N VAL E 342 18.87 -4.08 17.63
CA VAL E 342 18.02 -4.67 16.60
C VAL E 342 18.35 -4.07 15.24
N ILE E 343 18.55 -2.75 15.20
CA ILE E 343 18.63 -2.00 13.93
C ILE E 343 19.90 -2.37 13.16
N ILE E 344 21.04 -2.51 13.85
CA ILE E 344 22.26 -3.00 13.19
C ILE E 344 22.02 -4.39 12.63
N LYS E 345 21.43 -5.28 13.44
CA LYS E 345 21.23 -6.66 13.01
C LYS E 345 20.10 -6.78 11.99
N ASN E 346 19.07 -5.95 12.09
CA ASN E 346 18.06 -5.89 11.03
C ASN E 346 18.68 -5.39 9.74
N ASN E 347 19.59 -4.41 9.83
CA ASN E 347 20.35 -3.99 8.66
C ASN E 347 21.24 -5.11 8.15
N LEU E 348 21.90 -5.84 9.07
CA LEU E 348 22.81 -6.91 8.68
C LEU E 348 22.08 -8.05 7.99
N LYS E 349 20.86 -8.36 8.44
CA LYS E 349 20.01 -9.31 7.71
C LYS E 349 19.68 -8.78 6.32
N ASP E 350 19.36 -7.50 6.21
CA ASP E 350 19.09 -6.89 4.92
C ASP E 350 20.36 -6.59 4.13
N CYS E 351 21.51 -6.50 4.80
CA CYS E 351 22.80 -6.30 4.12
C CYS E 351 23.31 -7.57 3.46
N GLY E 352 22.65 -8.71 3.69
CA GLY E 352 23.14 -9.97 3.17
C GLY E 352 24.46 -10.38 3.78
N LEU E 353 24.65 -10.11 5.07
CA LEU E 353 25.86 -10.51 5.76
C LEU E 353 25.58 -11.52 6.85
N PHE E 354 24.73 -11.18 7.83
CA PHE E 354 24.39 -12.09 8.92
C PHE E 354 22.91 -11.98 9.19
#